data_6S1T
#
_entry.id   6S1T
#
_cell.length_a   60.903
_cell.length_b   93.201
_cell.length_c   116.615
_cell.angle_alpha   90.00
_cell.angle_beta   104.90
_cell.angle_gamma   90.00
#
_symmetry.space_group_name_H-M   'P 1 21 1'
#
loop_
_entity.id
_entity.type
_entity.pdbx_description
1 polymer Fructofuranosidase
2 branched beta-D-mannopyranose-(1-4)-2-acetamido-2-deoxy-beta-D-glucopyranose-(1-4)-2-acetamido-2-deoxy-beta-D-glucopyranose
3 branched 2-acetamido-2-deoxy-beta-D-glucopyranose-(1-4)-2-acetamido-2-deoxy-beta-D-glucopyranose
4 branched beta-D-fructofuranose-(2-1)-alpha-D-glucopyranose
5 non-polymer 2-acetamido-2-deoxy-beta-D-glucopyranose
6 non-polymer 1,2-ETHANEDIOL
7 non-polymer 'ZINC ION'
8 water water
#
_entity_poly.entity_id   1
_entity_poly.type   'polypeptide(L)'
_entity_poly.pdbx_seq_one_letter_code
;MVQVLSVLVIPLLTLFFGYVASSSIDLSVDTSEYNRPLIHFTPEKGWMNAPNGLFYDKTAKLWHLYFQYNPNATAWGQPL
YWGHATSNDLVHWDEHEIAIGPEHDNEGIFSGSIVVDHNNTSGFFNSSIDPNQRIVAIYTNNIPDNQTQDIAFSLDGGYT
FTKYENNPVIDVSSNQFRDPKVFWHEDSNQWIMVVSKSQEYKIQIFGSANLKNWVLNSNFSSGYYGNQYECPGLIEVPIE
NSDKSKWVMFLAINPGSPLGGSINQYFVGDFDGFQFVPDDSQTRFVDIGKDFYAFQTFSEVEHGVLGLAWASNWQYADQV
PTNPWRSSTSLARNYTLRYVHTNAETKQLTLIQNPVLPDSINVVDKLKKKNVKLTNKKPIKTNFKGSTGLFDFNITFKVL
NLNVSPGKTHFDILINSQELNSSVDSIKIGFDSSQSSFYIDRHIPNVEFPRKQFFTDKLAAYLEPLDYDQDLRVFSLYGI
VDKNIIELYFNDGTVAMTNTFFMGEGKYPHDIQIVTDTEEPLFELESVIIRELNK
;
_entity_poly.pdbx_strand_id   A,B
#
loop_
_chem_comp.id
_chem_comp.type
_chem_comp.name
_chem_comp.formula
BMA D-saccharide, beta linking beta-D-mannopyranose 'C6 H12 O6'
EDO non-polymer 1,2-ETHANEDIOL 'C2 H6 O2'
FRU D-saccharide, beta linking beta-D-fructofuranose 'C6 H12 O6'
GLC D-saccharide, alpha linking alpha-D-glucopyranose 'C6 H12 O6'
NAG D-saccharide, beta linking 2-acetamido-2-deoxy-beta-D-glucopyranose 'C8 H15 N O6'
ZN non-polymer 'ZINC ION' 'Zn 2'
#
# COMPACT_ATOMS: atom_id res chain seq x y z
N SER A 24 -26.53 3.52 21.19
CA SER A 24 -26.91 4.40 22.34
C SER A 24 -25.94 4.20 23.49
N ILE A 25 -25.17 5.25 23.76
CA ILE A 25 -23.94 5.25 24.59
C ILE A 25 -24.32 4.85 26.04
N ASP A 26 -23.54 3.83 26.67
CA ASP A 26 -23.48 3.37 28.10
C ASP A 26 -22.38 4.17 28.76
N LEU A 27 -22.87 4.95 29.70
CA LEU A 27 -21.93 5.76 30.47
C LEU A 27 -21.39 4.95 31.64
N SER A 28 -21.81 3.68 31.77
CA SER A 28 -21.40 2.75 32.87
C SER A 28 -19.88 2.51 32.78
N VAL A 29 -19.35 2.30 31.59
CA VAL A 29 -17.92 1.95 31.39
C VAL A 29 -17.18 3.10 30.70
N ASP A 30 -16.16 3.66 31.35
CA ASP A 30 -15.35 4.78 30.79
C ASP A 30 -13.88 4.37 30.77
N THR A 31 -13.28 4.31 29.58
CA THR A 31 -11.88 3.87 29.36
C THR A 31 -10.93 5.07 29.34
N SER A 32 -11.43 6.28 29.61
CA SER A 32 -10.69 7.56 29.42
C SER A 32 -9.34 7.53 30.13
N GLU A 33 -9.34 7.09 31.38
CA GLU A 33 -8.17 7.06 32.29
C GLU A 33 -6.97 6.45 31.58
N TYR A 34 -7.17 5.38 30.81
CA TYR A 34 -6.04 4.67 30.17
C TYR A 34 -5.99 4.88 28.65
N ASN A 35 -7.04 5.30 27.96
CA ASN A 35 -6.88 5.37 26.47
C ASN A 35 -7.54 6.59 25.83
N ARG A 36 -7.93 7.63 26.59
CA ARG A 36 -8.35 8.92 25.95
C ARG A 36 -7.13 9.81 25.78
N PRO A 37 -6.76 10.18 24.53
CA PRO A 37 -5.68 11.14 24.32
C PRO A 37 -5.80 12.45 25.12
N LEU A 38 -4.67 13.02 25.50
CA LEU A 38 -4.60 14.32 26.23
C LEU A 38 -4.62 15.51 25.26
N ILE A 39 -3.90 15.47 24.12
CA ILE A 39 -3.71 16.70 23.28
C ILE A 39 -4.16 16.45 21.84
N HIS A 40 -4.79 15.31 21.57
CA HIS A 40 -5.60 15.11 20.34
C HIS A 40 -7.05 15.30 20.72
N PHE A 41 -7.78 16.12 19.95
CA PHE A 41 -9.21 16.38 20.23
C PHE A 41 -9.99 15.06 20.14
N THR A 42 -10.83 14.81 21.14
CA THR A 42 -11.91 13.79 21.15
C THR A 42 -13.19 14.44 21.67
N PRO A 43 -14.35 14.07 21.12
CA PRO A 43 -15.62 14.50 21.71
C PRO A 43 -15.75 13.85 23.08
N GLU A 44 -16.35 14.57 24.03
CA GLU A 44 -16.60 13.99 25.38
C GLU A 44 -17.41 12.69 25.23
N LYS A 45 -18.41 12.64 24.35
CA LYS A 45 -19.18 11.38 24.15
C LYS A 45 -19.62 11.27 22.69
N GLY A 46 -19.85 10.05 22.25
CA GLY A 46 -20.41 9.78 20.91
C GLY A 46 -19.34 9.58 19.85
N TRP A 47 -19.71 9.75 18.59
CA TRP A 47 -18.88 9.33 17.43
C TRP A 47 -18.36 10.55 16.69
N MET A 48 -17.07 10.53 16.31
CA MET A 48 -16.51 11.58 15.43
C MET A 48 -15.84 10.92 14.24
N ASN A 49 -16.02 11.48 13.03
CA ASN A 49 -15.18 11.13 11.85
C ASN A 49 -14.58 12.43 11.30
N ALA A 50 -14.73 12.71 10.00
CA ALA A 50 -13.96 13.74 9.26
C ALA A 50 -14.02 15.10 9.94
N PRO A 51 -12.88 15.82 10.03
CA PRO A 51 -12.87 17.22 10.44
C PRO A 51 -13.45 18.12 9.34
N ASN A 52 -14.10 19.20 9.74
CA ASN A 52 -14.86 20.10 8.84
C ASN A 52 -14.60 21.55 9.24
N GLY A 53 -14.83 22.47 8.31
CA GLY A 53 -14.98 23.92 8.57
C GLY A 53 -13.77 24.50 9.29
N LEU A 54 -12.58 23.97 9.05
CA LEU A 54 -11.37 24.39 9.79
C LEU A 54 -11.05 25.83 9.42
N PHE A 55 -10.89 26.71 10.40
CA PHE A 55 -10.52 28.12 10.13
C PHE A 55 -10.01 28.79 11.39
N TYR A 56 -9.31 29.91 11.14
CA TYR A 56 -8.76 30.81 12.17
C TYR A 56 -9.55 32.13 12.15
N ASP A 57 -10.08 32.52 13.32
CA ASP A 57 -10.76 33.82 13.55
C ASP A 57 -9.68 34.81 14.00
N LYS A 58 -9.24 35.69 13.09
CA LYS A 58 -8.17 36.69 13.36
C LYS A 58 -8.61 37.68 14.44
N THR A 59 -9.90 38.01 14.51
CA THR A 59 -10.42 39.00 15.50
C THR A 59 -10.38 38.36 16.89
N ALA A 60 -11.01 37.21 17.08
CA ALA A 60 -11.10 36.50 18.38
C ALA A 60 -9.79 35.77 18.71
N LYS A 61 -8.89 35.59 17.74
CA LYS A 61 -7.61 34.84 17.87
C LYS A 61 -7.90 33.41 18.32
N LEU A 62 -8.79 32.74 17.60
CA LEU A 62 -9.29 31.38 17.95
C LEU A 62 -9.22 30.48 16.71
N TRP A 63 -8.67 29.28 16.88
CA TRP A 63 -8.74 28.16 15.92
C TRP A 63 -10.07 27.45 16.10
N HIS A 64 -10.78 27.18 15.01
CA HIS A 64 -12.06 26.43 15.02
C HIS A 64 -11.88 25.06 14.36
N LEU A 65 -12.35 24.04 15.05
CA LEU A 65 -12.47 22.65 14.55
C LEU A 65 -13.96 22.29 14.53
N TYR A 66 -14.50 21.91 13.38
CA TYR A 66 -15.81 21.24 13.30
C TYR A 66 -15.54 19.78 12.91
N PHE A 67 -16.53 18.93 13.04
CA PHE A 67 -16.35 17.48 12.77
C PHE A 67 -17.70 16.80 12.61
N GLN A 68 -17.71 15.80 11.72
CA GLN A 68 -18.79 14.82 11.57
C GLN A 68 -19.05 14.21 12.94
N TYR A 69 -20.28 14.35 13.45
CA TYR A 69 -20.61 14.05 14.86
C TYR A 69 -21.96 13.33 14.94
N ASN A 70 -21.94 12.15 15.55
CA ASN A 70 -23.16 11.43 16.02
C ASN A 70 -23.15 11.41 17.54
N PRO A 71 -23.92 12.29 18.22
CA PRO A 71 -23.95 12.28 19.69
C PRO A 71 -24.66 11.05 20.29
N ASN A 72 -25.37 10.25 19.50
CA ASN A 72 -26.35 9.26 20.02
C ASN A 72 -25.74 7.86 20.09
N ALA A 73 -24.53 7.67 19.59
CA ALA A 73 -23.86 6.35 19.58
C ALA A 73 -22.37 6.52 19.34
N THR A 74 -21.58 5.48 19.63
CA THR A 74 -20.12 5.42 19.32
C THR A 74 -19.94 4.70 17.98
N ALA A 75 -20.81 5.00 17.02
CA ALA A 75 -20.70 4.57 15.62
C ALA A 75 -21.37 5.62 14.76
N TRP A 76 -21.07 5.59 13.46
CA TRP A 76 -21.68 6.49 12.46
C TRP A 76 -23.18 6.27 12.45
N GLY A 77 -23.95 7.35 12.38
CA GLY A 77 -25.42 7.27 12.29
C GLY A 77 -26.00 8.63 11.95
N GLN A 78 -27.22 8.61 11.42
CA GLN A 78 -28.03 9.83 11.20
C GLN A 78 -29.09 9.84 12.29
N PRO A 79 -29.51 11.01 12.81
CA PRO A 79 -29.06 12.31 12.29
C PRO A 79 -27.58 12.61 12.59
N LEU A 80 -26.88 13.15 11.60
CA LEU A 80 -25.42 13.47 11.66
C LEU A 80 -25.23 15.00 11.63
N TYR A 81 -24.43 15.51 12.55
CA TYR A 81 -24.23 16.95 12.85
C TYR A 81 -22.79 17.38 12.61
N TRP A 82 -22.57 18.69 12.51
CA TRP A 82 -21.25 19.34 12.76
C TRP A 82 -21.11 19.59 14.26
N GLY A 83 -20.24 18.84 14.91
CA GLY A 83 -19.69 19.20 16.22
C GLY A 83 -18.78 20.40 16.07
N HIS A 84 -18.36 20.98 17.20
CA HIS A 84 -17.55 22.21 17.20
C HIS A 84 -16.66 22.26 18.44
N ALA A 85 -15.38 22.61 18.25
CA ALA A 85 -14.44 22.94 19.34
C ALA A 85 -13.54 24.08 18.90
N THR A 86 -13.00 24.82 19.87
CA THR A 86 -12.05 25.93 19.67
C THR A 86 -10.81 25.70 20.53
N SER A 87 -9.73 26.35 20.08
CA SER A 87 -8.40 26.32 20.72
C SER A 87 -7.66 27.62 20.42
N ASN A 88 -6.88 28.12 21.38
CA ASN A 88 -5.97 29.26 21.13
C ASN A 88 -4.61 28.74 20.61
N ASP A 89 -4.31 27.44 20.70
CA ASP A 89 -2.91 26.94 20.50
C ASP A 89 -2.84 25.60 19.74
N LEU A 90 -3.97 25.05 19.31
CA LEU A 90 -4.12 23.80 18.51
C LEU A 90 -3.77 22.55 19.35
N VAL A 91 -3.70 22.64 20.69
CA VAL A 91 -3.52 21.43 21.55
C VAL A 91 -4.50 21.39 22.73
N HIS A 92 -4.92 22.54 23.29
CA HIS A 92 -5.98 22.63 24.33
C HIS A 92 -7.31 22.98 23.66
N TRP A 93 -8.28 22.07 23.69
CA TRP A 93 -9.57 22.20 22.97
C TRP A 93 -10.69 22.41 23.97
N ASP A 94 -11.64 23.29 23.63
CA ASP A 94 -12.91 23.49 24.38
C ASP A 94 -14.06 23.08 23.46
N GLU A 95 -14.80 22.05 23.87
CA GLU A 95 -15.95 21.50 23.08
C GLU A 95 -17.15 22.42 23.28
N HIS A 96 -17.85 22.77 22.18
CA HIS A 96 -19.03 23.67 22.19
C HIS A 96 -20.30 22.89 21.86
N GLU A 97 -21.42 23.61 21.81
CA GLU A 97 -22.71 23.08 21.32
C GLU A 97 -22.54 22.72 19.84
N ILE A 98 -23.31 21.72 19.37
CA ILE A 98 -23.46 21.37 17.93
C ILE A 98 -23.66 22.67 17.13
N ALA A 99 -22.94 22.83 16.02
CA ALA A 99 -22.98 24.06 15.19
C ALA A 99 -24.04 23.95 14.08
N ILE A 100 -24.19 22.78 13.44
CA ILE A 100 -25.14 22.63 12.30
C ILE A 100 -25.78 21.25 12.41
N GLY A 101 -27.10 21.17 12.18
CA GLY A 101 -27.86 19.91 12.29
C GLY A 101 -28.74 19.71 11.07
N PRO A 102 -29.16 18.45 10.77
CA PRO A 102 -30.03 18.19 9.63
C PRO A 102 -31.49 18.60 9.89
N GLU A 103 -32.26 18.75 8.81
CA GLU A 103 -33.72 19.07 8.87
C GLU A 103 -34.49 17.88 9.45
N HIS A 104 -34.12 16.65 9.10
CA HIS A 104 -34.82 15.41 9.55
C HIS A 104 -33.82 14.36 10.04
N ASP A 105 -34.36 13.37 10.77
CA ASP A 105 -33.61 12.29 11.47
C ASP A 105 -32.90 11.37 10.46
N ASN A 106 -33.37 11.27 9.22
CA ASN A 106 -32.76 10.39 8.19
C ASN A 106 -31.93 11.24 7.21
N GLU A 107 -31.32 12.33 7.71
CA GLU A 107 -30.47 13.25 6.91
C GLU A 107 -29.22 13.57 7.72
N GLY A 108 -28.25 14.19 7.06
CA GLY A 108 -26.92 14.45 7.63
C GLY A 108 -26.31 15.70 7.06
N ILE A 109 -25.63 16.44 7.92
CA ILE A 109 -24.70 17.51 7.49
C ILE A 109 -23.34 16.83 7.31
N PHE A 110 -23.01 16.49 6.05
CA PHE A 110 -21.78 15.76 5.68
C PHE A 110 -20.65 16.78 5.62
N SER A 111 -19.46 16.34 5.20
CA SER A 111 -18.22 17.15 5.28
C SER A 111 -18.33 18.45 4.48
N GLY A 112 -17.49 19.40 4.86
CA GLY A 112 -17.36 20.68 4.18
C GLY A 112 -16.35 21.56 4.86
N SER A 113 -16.41 22.85 4.54
CA SER A 113 -15.34 23.82 4.84
C SER A 113 -15.97 25.15 5.19
N ILE A 114 -15.14 26.04 5.71
CA ILE A 114 -15.54 27.43 6.06
C ILE A 114 -14.59 28.38 5.36
N VAL A 115 -15.16 29.49 4.89
CA VAL A 115 -14.38 30.67 4.42
C VAL A 115 -14.88 31.87 5.18
N VAL A 116 -14.04 32.89 5.17
CA VAL A 116 -14.39 34.24 5.69
C VAL A 116 -14.63 35.16 4.49
N ASP A 117 -15.86 35.64 4.36
CA ASP A 117 -16.33 36.53 3.27
C ASP A 117 -16.07 38.00 3.65
N HIS A 118 -14.80 38.39 3.74
CA HIS A 118 -14.33 39.74 4.21
C HIS A 118 -15.10 40.86 3.50
N ASN A 119 -15.27 40.77 2.18
CA ASN A 119 -15.84 41.86 1.32
C ASN A 119 -17.34 41.64 1.11
N ASN A 120 -17.97 40.70 1.83
CA ASN A 120 -19.44 40.50 1.83
C ASN A 120 -19.92 40.23 0.40
N THR A 121 -19.21 39.40 -0.37
CA THR A 121 -19.64 38.95 -1.72
C THR A 121 -20.99 38.22 -1.63
N SER A 122 -21.24 37.52 -0.52
CA SER A 122 -22.47 36.72 -0.29
C SER A 122 -23.69 37.63 -0.01
N GLY A 123 -23.46 38.84 0.53
CA GLY A 123 -24.53 39.77 0.94
C GLY A 123 -25.15 39.41 2.28
N PHE A 124 -24.57 38.47 3.05
CA PHE A 124 -25.14 38.01 4.34
C PHE A 124 -24.70 38.94 5.49
N PHE A 125 -23.69 39.77 5.29
CA PHE A 125 -22.98 40.44 6.40
C PHE A 125 -23.04 41.96 6.28
N ASN A 126 -23.51 42.61 7.32
CA ASN A 126 -23.60 44.10 7.40
C ASN A 126 -22.42 44.63 8.23
N SER A 127 -22.38 45.95 8.50
CA SER A 127 -21.22 46.61 9.13
C SER A 127 -21.10 46.25 10.62
N SER A 128 -22.09 45.60 11.21
CA SER A 128 -22.03 45.11 12.62
C SER A 128 -21.21 43.81 12.71
N ILE A 129 -20.90 43.17 11.57
CA ILE A 129 -20.11 41.90 11.55
C ILE A 129 -18.69 42.23 11.10
N ASP A 130 -17.72 42.08 11.99
CA ASP A 130 -16.28 42.31 11.67
C ASP A 130 -15.92 41.47 10.44
N PRO A 131 -15.19 42.06 9.47
CA PRO A 131 -14.78 41.34 8.25
C PRO A 131 -14.13 39.96 8.48
N ASN A 132 -13.31 39.83 9.53
CA ASN A 132 -12.60 38.56 9.89
C ASN A 132 -13.57 37.53 10.48
N GLN A 133 -14.84 37.90 10.69
CA GLN A 133 -15.85 37.03 11.34
C GLN A 133 -17.04 36.82 10.41
N ARG A 134 -16.86 37.11 9.11
CA ARG A 134 -17.94 36.89 8.12
C ARG A 134 -17.85 35.45 7.64
N ILE A 135 -18.34 34.53 8.47
CA ILE A 135 -18.07 33.07 8.41
C ILE A 135 -19.15 32.39 7.58
N VAL A 136 -18.77 31.73 6.50
CA VAL A 136 -19.70 30.92 5.67
C VAL A 136 -19.22 29.46 5.68
N ALA A 137 -20.12 28.55 6.04
CA ALA A 137 -19.95 27.08 5.94
C ALA A 137 -20.51 26.62 4.60
N ILE A 138 -19.72 25.85 3.85
CA ILE A 138 -20.18 25.15 2.61
C ILE A 138 -20.06 23.65 2.90
N TYR A 139 -21.15 22.91 2.80
CA TYR A 139 -21.21 21.49 3.26
C TYR A 139 -22.10 20.70 2.32
N THR A 140 -21.99 19.38 2.41
CA THR A 140 -22.86 18.43 1.68
C THR A 140 -24.10 18.16 2.54
N ASN A 141 -25.29 18.40 1.98
CA ASN A 141 -26.55 17.98 2.64
C ASN A 141 -26.86 16.58 2.13
N ASN A 142 -26.87 15.60 3.03
CA ASN A 142 -27.18 14.18 2.71
C ASN A 142 -28.64 13.90 3.05
N ILE A 143 -29.45 13.63 2.04
CA ILE A 143 -30.83 13.11 2.24
C ILE A 143 -30.96 11.81 1.46
N PRO A 144 -32.01 11.00 1.69
CA PRO A 144 -32.16 9.75 0.96
C PRO A 144 -32.03 9.99 -0.54
N ASP A 145 -31.11 9.29 -1.18
CA ASP A 145 -30.89 9.27 -2.66
C ASP A 145 -30.45 10.63 -3.20
N ASN A 146 -29.99 11.57 -2.37
CA ASN A 146 -29.51 12.90 -2.87
C ASN A 146 -28.42 13.49 -1.97
N GLN A 147 -27.33 13.92 -2.60
CA GLN A 147 -26.26 14.74 -1.98
C GLN A 147 -26.13 16.04 -2.77
N THR A 148 -26.20 17.17 -2.09
CA THR A 148 -26.13 18.54 -2.70
C THR A 148 -25.11 19.35 -1.91
N GLN A 149 -24.63 20.47 -2.48
CA GLN A 149 -23.72 21.44 -1.81
C GLN A 149 -24.57 22.63 -1.33
N ASP A 150 -24.62 22.85 -0.02
CA ASP A 150 -25.45 23.88 0.64
C ASP A 150 -24.55 24.86 1.39
N ILE A 151 -25.05 26.05 1.73
CA ILE A 151 -24.27 27.01 2.54
C ILE A 151 -25.10 27.49 3.73
N ALA A 152 -24.40 27.97 4.75
CA ALA A 152 -24.99 28.57 5.96
C ALA A 152 -24.02 29.64 6.48
N PHE A 153 -24.52 30.66 7.14
CA PHE A 153 -23.70 31.80 7.62
C PHE A 153 -23.87 31.92 9.15
N SER A 154 -22.80 32.38 9.80
CA SER A 154 -22.75 32.61 11.25
C SER A 154 -22.57 34.11 11.52
N LEU A 155 -23.43 34.66 12.37
CA LEU A 155 -23.35 36.08 12.79
C LEU A 155 -22.75 36.19 14.18
N ASP A 156 -22.31 35.09 14.79
CA ASP A 156 -21.84 35.10 16.22
C ASP A 156 -20.45 34.48 16.32
N GLY A 157 -19.63 34.53 15.26
CA GLY A 157 -18.23 34.05 15.33
C GLY A 157 -18.11 32.54 15.14
N GLY A 158 -19.15 31.88 14.62
CA GLY A 158 -19.09 30.48 14.16
C GLY A 158 -19.66 29.47 15.12
N TYR A 159 -20.53 29.89 16.04
CA TYR A 159 -21.14 29.03 17.07
C TYR A 159 -22.53 28.58 16.62
N THR A 160 -23.30 29.46 15.97
CA THR A 160 -24.63 29.14 15.42
C THR A 160 -24.65 29.57 13.94
N PHE A 161 -25.41 28.86 13.12
CA PHE A 161 -25.49 29.05 11.66
C PHE A 161 -26.94 29.18 11.23
N THR A 162 -27.17 29.98 10.18
CA THR A 162 -28.46 30.05 9.47
C THR A 162 -28.24 29.48 8.07
N LYS A 163 -29.01 28.45 7.72
CA LYS A 163 -28.96 27.89 6.35
C LYS A 163 -29.51 28.91 5.35
N TYR A 164 -28.83 29.08 4.21
CA TYR A 164 -29.27 29.93 3.09
C TYR A 164 -30.63 29.43 2.60
N GLU A 165 -31.58 30.35 2.42
CA GLU A 165 -32.99 30.02 2.09
C GLU A 165 -33.09 29.39 0.68
N ASN A 166 -32.17 29.67 -0.25
CA ASN A 166 -32.23 29.06 -1.61
C ASN A 166 -31.25 27.87 -1.71
N ASN A 167 -30.90 27.20 -0.61
CA ASN A 167 -30.15 25.90 -0.71
C ASN A 167 -31.03 24.94 -1.52
N PRO A 168 -30.46 24.01 -2.31
CA PRO A 168 -29.00 23.86 -2.45
C PRO A 168 -28.36 24.85 -3.43
N VAL A 169 -27.08 25.11 -3.26
CA VAL A 169 -26.34 26.01 -4.20
C VAL A 169 -25.81 25.19 -5.39
N ILE A 170 -25.60 23.88 -5.24
CA ILE A 170 -25.28 22.98 -6.39
C ILE A 170 -26.02 21.66 -6.21
N ASP A 171 -26.81 21.28 -7.21
CA ASP A 171 -27.50 19.98 -7.28
C ASP A 171 -27.28 19.42 -8.68
N VAL A 172 -26.66 18.24 -8.78
CA VAL A 172 -26.42 17.57 -10.10
C VAL A 172 -27.21 16.26 -10.16
N SER A 173 -28.26 16.11 -9.34
CA SER A 173 -29.15 14.93 -9.31
C SER A 173 -28.33 13.67 -9.00
N SER A 174 -27.45 13.70 -8.01
CA SER A 174 -26.58 12.55 -7.67
C SER A 174 -26.67 12.23 -6.17
N ASN A 175 -26.48 10.97 -5.82
CA ASN A 175 -26.33 10.54 -4.41
C ASN A 175 -24.85 10.27 -4.07
N GLN A 176 -23.92 10.68 -4.93
CA GLN A 176 -22.45 10.47 -4.74
C GLN A 176 -21.73 11.73 -5.19
N PHE A 177 -21.81 12.77 -4.37
CA PHE A 177 -21.45 14.16 -4.71
C PHE A 177 -21.26 14.97 -3.42
N ARG A 178 -20.02 15.02 -2.93
CA ARG A 178 -19.79 15.54 -1.55
C ARG A 178 -18.37 16.03 -1.30
N ASP A 179 -18.23 16.69 -0.13
CA ASP A 179 -16.97 17.14 0.53
C ASP A 179 -16.42 18.39 -0.16
N PRO A 180 -17.14 19.54 -0.10
CA PRO A 180 -16.65 20.76 -0.72
C PRO A 180 -15.61 21.48 0.12
N LYS A 181 -14.46 21.78 -0.48
CA LYS A 181 -13.41 22.64 0.09
C LYS A 181 -13.37 23.92 -0.73
N VAL A 182 -13.66 25.06 -0.09
CA VAL A 182 -13.83 26.36 -0.79
C VAL A 182 -12.70 27.31 -0.38
N PHE A 183 -12.21 28.13 -1.32
CA PHE A 183 -11.20 29.17 -1.03
C PHE A 183 -11.33 30.33 -2.01
N TRP A 184 -10.85 31.50 -1.57
CA TRP A 184 -10.77 32.71 -2.42
C TRP A 184 -9.51 32.60 -3.30
N HIS A 185 -9.67 32.71 -4.62
CA HIS A 185 -8.53 32.71 -5.57
C HIS A 185 -8.33 34.14 -6.10
N GLU A 186 -7.29 34.85 -5.65
CA GLU A 186 -7.09 36.28 -5.98
C GLU A 186 -6.85 36.40 -7.50
N ASP A 187 -5.93 35.62 -8.05
CA ASP A 187 -5.51 35.70 -9.48
C ASP A 187 -6.74 35.72 -10.40
N SER A 188 -7.76 34.87 -10.19
CA SER A 188 -8.95 34.78 -11.09
C SER A 188 -10.14 35.52 -10.48
N ASN A 189 -9.92 36.17 -9.34
CA ASN A 189 -10.92 37.05 -8.66
C ASN A 189 -12.25 36.29 -8.48
N GLN A 190 -12.22 35.11 -7.85
CA GLN A 190 -13.46 34.33 -7.57
C GLN A 190 -13.26 33.32 -6.44
N TRP A 191 -14.37 32.85 -5.90
CA TRP A 191 -14.41 31.65 -5.01
C TRP A 191 -14.20 30.41 -5.88
N ILE A 192 -13.43 29.48 -5.34
CA ILE A 192 -13.13 28.15 -5.95
C ILE A 192 -13.65 27.08 -5.00
N MET A 193 -14.41 26.13 -5.55
CA MET A 193 -14.83 24.92 -4.80
C MET A 193 -14.19 23.69 -5.47
N VAL A 194 -13.52 22.86 -4.67
CA VAL A 194 -13.12 21.50 -5.13
C VAL A 194 -14.06 20.54 -4.42
N VAL A 195 -14.74 19.67 -5.16
CA VAL A 195 -15.73 18.75 -4.54
C VAL A 195 -15.61 17.41 -5.26
N SER A 196 -15.95 16.31 -4.59
CA SER A 196 -15.77 14.98 -5.21
C SER A 196 -17.09 14.45 -5.81
N LYS A 197 -17.05 14.12 -7.10
CA LYS A 197 -18.05 13.24 -7.76
C LYS A 197 -17.56 11.83 -7.49
N SER A 198 -17.90 11.31 -6.31
CA SER A 198 -17.12 10.28 -5.58
C SER A 198 -16.94 9.02 -6.43
N GLN A 199 -18.03 8.48 -6.99
CA GLN A 199 -17.99 7.18 -7.71
C GLN A 199 -17.68 7.37 -9.19
N GLU A 200 -17.55 8.61 -9.68
CA GLU A 200 -17.07 8.88 -11.06
C GLU A 200 -15.55 9.10 -11.05
N TYR A 201 -14.94 9.10 -9.86
CA TYR A 201 -13.48 9.33 -9.71
C TYR A 201 -13.10 10.68 -10.35
N LYS A 202 -13.85 11.72 -10.03
CA LYS A 202 -13.56 13.11 -10.46
C LYS A 202 -13.57 14.03 -9.25
N ILE A 203 -12.54 14.86 -9.15
CA ILE A 203 -12.56 16.11 -8.36
C ILE A 203 -13.09 17.19 -9.30
N GLN A 204 -14.23 17.79 -8.95
CA GLN A 204 -14.84 18.85 -9.77
C GLN A 204 -14.43 20.21 -9.20
N ILE A 205 -14.01 21.10 -10.08
CA ILE A 205 -13.61 22.49 -9.71
C ILE A 205 -14.69 23.44 -10.22
N PHE A 206 -15.42 24.05 -9.29
CA PHE A 206 -16.44 25.08 -9.59
C PHE A 206 -15.93 26.47 -9.19
N GLY A 207 -16.52 27.50 -9.81
CA GLY A 207 -16.18 28.92 -9.62
C GLY A 207 -17.43 29.72 -9.29
N SER A 208 -17.30 30.78 -8.48
CA SER A 208 -18.43 31.62 -8.02
C SER A 208 -17.93 33.00 -7.61
N ALA A 209 -18.73 34.02 -7.91
CA ALA A 209 -18.52 35.42 -7.47
C ALA A 209 -19.07 35.61 -6.03
N ASN A 210 -20.03 34.79 -5.59
CA ASN A 210 -20.91 35.16 -4.43
C ASN A 210 -21.22 33.98 -3.49
N LEU A 211 -20.63 32.80 -3.71
CA LEU A 211 -20.78 31.53 -2.92
C LEU A 211 -22.17 30.89 -3.13
N LYS A 212 -23.03 31.45 -3.98
CA LYS A 212 -24.41 30.94 -4.15
C LYS A 212 -24.60 30.37 -5.56
N ASN A 213 -24.07 31.05 -6.58
CA ASN A 213 -24.21 30.67 -8.00
C ASN A 213 -22.88 30.17 -8.51
N TRP A 214 -22.82 28.90 -8.89
CA TRP A 214 -21.55 28.20 -9.22
C TRP A 214 -21.58 27.75 -10.68
N VAL A 215 -20.39 27.64 -11.28
CA VAL A 215 -20.15 27.21 -12.69
C VAL A 215 -19.08 26.11 -12.64
N LEU A 216 -19.31 24.95 -13.25
CA LEU A 216 -18.30 23.87 -13.33
C LEU A 216 -17.20 24.30 -14.31
N ASN A 217 -15.95 24.36 -13.86
CA ASN A 217 -14.79 24.80 -14.67
C ASN A 217 -13.98 23.61 -15.17
N SER A 218 -13.73 22.58 -14.35
CA SER A 218 -12.94 21.41 -14.79
C SER A 218 -13.18 20.18 -13.93
N ASN A 219 -12.80 19.03 -14.47
CA ASN A 219 -12.77 17.74 -13.74
C ASN A 219 -11.33 17.24 -13.69
N PHE A 220 -10.87 16.76 -12.55
CA PHE A 220 -9.54 16.15 -12.37
C PHE A 220 -9.69 14.69 -11.94
N SER A 221 -8.94 13.80 -12.59
CA SER A 221 -8.90 12.33 -12.34
C SER A 221 -7.46 11.84 -12.44
N SER A 222 -6.92 11.27 -11.36
CA SER A 222 -5.54 10.72 -11.34
C SER A 222 -5.28 9.90 -10.06
N GLY A 223 -4.06 9.38 -9.96
CA GLY A 223 -3.53 8.75 -8.76
C GLY A 223 -4.15 7.38 -8.53
N TYR A 224 -4.25 7.00 -7.26
CA TYR A 224 -4.82 5.70 -6.82
C TYR A 224 -6.33 5.88 -6.60
N TYR A 225 -7.14 5.22 -7.43
CA TYR A 225 -8.61 5.45 -7.48
C TYR A 225 -9.30 4.82 -6.25
N GLY A 226 -8.85 3.64 -5.83
CA GLY A 226 -9.63 2.74 -4.94
C GLY A 226 -11.10 2.69 -5.31
N ASN A 227 -11.98 2.70 -4.30
CA ASN A 227 -13.44 2.53 -4.50
C ASN A 227 -14.09 3.88 -4.85
N GLN A 228 -13.71 4.97 -4.19
CA GLN A 228 -14.35 6.30 -4.34
C GLN A 228 -13.38 7.44 -4.02
N TYR A 229 -13.64 8.60 -4.60
CA TYR A 229 -12.98 9.90 -4.30
C TYR A 229 -13.74 10.58 -3.18
N GLU A 230 -13.04 11.16 -2.20
CA GLU A 230 -13.67 11.88 -1.06
C GLU A 230 -12.78 13.05 -0.61
N CYS A 231 -13.36 13.98 0.14
CA CYS A 231 -12.68 15.13 0.83
C CYS A 231 -11.48 15.64 0.03
N PRO A 232 -11.66 16.28 -1.15
CA PRO A 232 -10.55 16.90 -1.84
C PRO A 232 -10.18 18.24 -1.19
N GLY A 233 -8.96 18.70 -1.47
CA GLY A 233 -8.46 20.04 -1.11
C GLY A 233 -7.50 20.51 -2.17
N LEU A 234 -7.38 21.82 -2.31
CA LEU A 234 -6.50 22.45 -3.31
C LEU A 234 -5.98 23.72 -2.68
N ILE A 235 -4.66 23.84 -2.55
CA ILE A 235 -4.08 24.97 -1.77
C ILE A 235 -2.65 25.21 -2.22
N GLU A 236 -2.21 26.46 -2.07
CA GLU A 236 -0.80 26.85 -2.28
C GLU A 236 0.03 26.45 -1.07
N VAL A 237 1.05 25.62 -1.29
CA VAL A 237 1.97 25.16 -0.23
C VAL A 237 3.32 25.79 -0.51
N PRO A 238 3.91 26.48 0.50
CA PRO A 238 5.20 27.14 0.32
C PRO A 238 6.35 26.14 0.14
N ILE A 239 7.29 26.49 -0.74
CA ILE A 239 8.57 25.76 -0.93
C ILE A 239 9.52 26.29 0.12
N GLU A 240 10.22 25.42 0.85
CA GLU A 240 11.19 25.85 1.88
C GLU A 240 12.25 26.77 1.25
N ASN A 241 12.68 27.79 2.00
CA ASN A 241 13.77 28.74 1.62
C ASN A 241 13.43 29.41 0.29
N SER A 242 12.19 29.83 0.09
CA SER A 242 11.72 30.41 -1.19
C SER A 242 10.44 31.21 -0.92
N ASP A 243 10.15 32.19 -1.79
CA ASP A 243 8.87 32.95 -1.72
C ASP A 243 7.88 32.31 -2.69
N LYS A 244 8.31 31.31 -3.45
CA LYS A 244 7.43 30.62 -4.42
C LYS A 244 6.74 29.45 -3.72
N SER A 245 5.75 28.88 -4.37
CA SER A 245 5.04 27.69 -3.85
C SER A 245 4.43 26.91 -5.00
N LYS A 246 3.84 25.77 -4.68
CA LYS A 246 3.14 24.93 -5.68
C LYS A 246 1.70 24.77 -5.22
N TRP A 247 0.80 24.53 -6.17
CA TRP A 247 -0.58 24.12 -5.85
C TRP A 247 -0.53 22.64 -5.53
N VAL A 248 -1.11 22.25 -4.41
CA VAL A 248 -1.18 20.83 -4.00
C VAL A 248 -2.66 20.47 -3.96
N MET A 249 -3.04 19.44 -4.73
CA MET A 249 -4.38 18.81 -4.68
C MET A 249 -4.31 17.64 -3.70
N PHE A 250 -5.13 17.69 -2.66
CA PHE A 250 -5.32 16.58 -1.69
C PHE A 250 -6.58 15.80 -2.09
N LEU A 251 -6.54 14.49 -1.80
CA LEU A 251 -7.60 13.55 -2.20
C LEU A 251 -7.62 12.37 -1.23
N ALA A 252 -8.80 12.09 -0.68
CA ALA A 252 -9.05 10.94 0.21
C ALA A 252 -9.72 9.84 -0.63
N ILE A 253 -9.31 8.59 -0.42
CA ILE A 253 -9.99 7.42 -1.05
C ILE A 253 -10.35 6.41 0.02
N ASN A 254 -11.55 5.84 -0.09
CA ASN A 254 -12.05 4.83 0.87
C ASN A 254 -13.25 4.12 0.29
N PRO A 255 -13.36 2.78 0.41
CA PRO A 255 -12.24 1.90 0.72
C PRO A 255 -11.29 1.72 -0.49
N GLY A 256 -10.39 0.75 -0.43
CA GLY A 256 -9.47 0.40 -1.52
C GLY A 256 -8.08 1.01 -1.38
N SER A 257 -7.73 1.58 -0.23
CA SER A 257 -6.32 1.98 0.05
C SER A 257 -5.42 0.77 -0.18
N PRO A 258 -4.20 0.96 -0.73
CA PRO A 258 -3.30 -0.17 -0.92
C PRO A 258 -2.88 -0.73 0.45
N LEU A 259 -3.02 0.06 1.53
CA LEU A 259 -2.75 -0.40 2.92
C LEU A 259 -4.02 -0.99 3.54
N GLY A 260 -5.11 -1.01 2.78
CA GLY A 260 -6.42 -1.47 3.28
C GLY A 260 -7.20 -0.35 3.94
N GLY A 261 -8.42 -0.13 3.45
CA GLY A 261 -9.37 0.83 4.02
C GLY A 261 -9.19 2.20 3.39
N SER A 262 -8.92 3.18 4.24
CA SER A 262 -8.97 4.62 3.94
C SER A 262 -7.56 5.22 3.97
N ILE A 263 -7.29 6.17 3.09
CA ILE A 263 -5.96 6.84 3.01
C ILE A 263 -6.08 8.17 2.23
N ASN A 264 -5.12 9.07 2.43
CA ASN A 264 -5.04 10.39 1.76
C ASN A 264 -3.84 10.40 0.80
N GLN A 265 -4.01 10.97 -0.39
CA GLN A 265 -2.94 11.13 -1.40
C GLN A 265 -2.84 12.60 -1.83
N TYR A 266 -1.80 12.94 -2.60
CA TYR A 266 -1.62 14.32 -3.07
C TYR A 266 -0.95 14.35 -4.43
N PHE A 267 -1.08 15.51 -5.08
CA PHE A 267 -0.56 15.85 -6.42
C PHE A 267 0.02 17.26 -6.33
N VAL A 268 1.19 17.48 -6.90
CA VAL A 268 1.88 18.80 -6.91
C VAL A 268 1.79 19.32 -8.35
N GLY A 269 1.37 20.57 -8.50
CA GLY A 269 1.34 21.24 -9.81
C GLY A 269 0.97 22.71 -9.73
N ASP A 270 0.16 23.15 -10.68
CA ASP A 270 -0.18 24.57 -10.93
C ASP A 270 -1.69 24.67 -11.11
N PHE A 271 -2.22 25.86 -10.87
CA PHE A 271 -3.68 26.14 -10.92
C PHE A 271 -3.83 27.58 -11.39
N ASP A 272 -4.77 27.82 -12.29
CA ASP A 272 -5.02 29.16 -12.89
C ASP A 272 -6.40 29.66 -12.50
N GLY A 273 -7.13 28.93 -11.64
CA GLY A 273 -8.50 29.28 -11.26
C GLY A 273 -9.53 28.42 -11.95
N PHE A 274 -9.13 27.64 -12.96
CA PHE A 274 -10.08 26.83 -13.77
C PHE A 274 -9.63 25.38 -13.85
N GLN A 275 -8.34 25.12 -14.09
CA GLN A 275 -7.80 23.75 -14.25
C GLN A 275 -6.58 23.55 -13.34
N PHE A 276 -6.53 22.41 -12.69
CA PHE A 276 -5.33 21.97 -11.93
C PHE A 276 -4.51 21.08 -12.86
N VAL A 277 -3.24 21.42 -13.04
CA VAL A 277 -2.29 20.68 -13.92
C VAL A 277 -1.16 20.19 -13.04
N PRO A 278 -1.04 18.87 -12.78
CA PRO A 278 0.08 18.33 -12.01
C PRO A 278 1.37 18.45 -12.83
N ASP A 279 2.52 18.59 -12.15
CA ASP A 279 3.86 18.68 -12.78
C ASP A 279 4.30 17.31 -13.29
N ASP A 280 3.73 16.22 -12.79
CA ASP A 280 4.06 14.83 -13.21
C ASP A 280 2.79 14.01 -13.04
N SER A 281 2.81 12.71 -13.33
CA SER A 281 1.62 11.83 -13.15
C SER A 281 1.85 10.82 -12.02
N GLN A 282 2.69 11.15 -11.03
CA GLN A 282 3.04 10.17 -9.96
C GLN A 282 1.98 10.18 -8.85
N THR A 283 1.80 9.03 -8.22
CA THR A 283 0.94 8.81 -7.03
C THR A 283 1.79 8.89 -5.76
N ARG A 284 1.36 9.68 -4.77
CA ARG A 284 2.01 9.77 -3.45
C ARG A 284 0.97 9.90 -2.33
N PHE A 285 1.22 9.29 -1.19
CA PHE A 285 0.32 9.33 -0.01
C PHE A 285 0.78 10.41 0.97
N VAL A 286 -0.18 11.03 1.64
CA VAL A 286 0.09 12.12 2.63
C VAL A 286 0.72 11.49 3.88
N ASP A 287 0.16 10.38 4.34
CA ASP A 287 0.58 9.68 5.59
C ASP A 287 0.49 8.18 5.31
N ILE A 288 1.54 7.42 5.57
CA ILE A 288 1.56 5.97 5.20
C ILE A 288 1.32 5.11 6.45
N GLY A 289 0.70 5.69 7.48
CA GLY A 289 0.09 4.91 8.57
C GLY A 289 -1.30 4.44 8.16
N LYS A 290 -1.97 3.66 8.98
CA LYS A 290 -3.33 3.19 8.65
C LYS A 290 -4.39 4.23 9.04
N ASP A 291 -4.06 5.17 9.91
CA ASP A 291 -5.07 5.97 10.66
C ASP A 291 -4.87 7.47 10.41
N PHE A 292 -5.00 7.92 9.15
CA PHE A 292 -4.91 9.35 8.78
C PHE A 292 -5.76 9.57 7.53
N TYR A 293 -6.99 10.07 7.73
CA TYR A 293 -7.99 10.17 6.65
C TYR A 293 -8.80 11.46 6.76
N ALA A 294 -9.32 11.93 5.62
CA ALA A 294 -10.22 13.11 5.50
C ALA A 294 -9.46 14.35 5.96
N PHE A 295 -8.20 14.43 5.56
CA PHE A 295 -7.30 15.58 5.83
C PHE A 295 -7.96 16.85 5.29
N GLN A 296 -7.92 17.92 6.08
CA GLN A 296 -8.38 19.26 5.61
C GLN A 296 -7.39 20.32 6.12
N THR A 297 -7.23 21.40 5.37
CA THR A 297 -6.41 22.59 5.75
C THR A 297 -7.28 23.66 6.42
N PHE A 298 -6.71 24.41 7.38
CA PHE A 298 -7.33 25.59 8.01
C PHE A 298 -7.42 26.73 7.00
N SER A 299 -8.57 27.41 6.90
CA SER A 299 -8.69 28.75 6.23
C SER A 299 -8.10 29.83 7.12
N GLU A 300 -7.64 30.92 6.49
CA GLU A 300 -7.21 32.20 7.11
C GLU A 300 -5.91 32.02 7.91
N VAL A 301 -5.02 31.12 7.48
CA VAL A 301 -3.66 31.02 8.08
C VAL A 301 -2.80 32.08 7.36
N GLU A 302 -2.18 33.00 8.08
CA GLU A 302 -1.37 34.05 7.38
C GLU A 302 0.03 33.50 7.06
N HIS A 303 0.60 32.61 7.88
CA HIS A 303 1.95 32.06 7.61
C HIS A 303 1.93 30.54 7.34
N GLY A 304 2.09 30.16 6.08
CA GLY A 304 2.24 28.75 5.67
C GLY A 304 0.90 28.04 5.55
N VAL A 305 0.91 26.71 5.68
CA VAL A 305 -0.29 25.84 5.54
C VAL A 305 -0.37 24.90 6.76
N LEU A 306 -1.54 24.87 7.40
CA LEU A 306 -1.79 24.03 8.59
C LEU A 306 -2.97 23.12 8.27
N GLY A 307 -2.96 21.90 8.79
CA GLY A 307 -4.09 20.98 8.61
C GLY A 307 -4.09 19.85 9.61
N LEU A 308 -5.18 19.08 9.64
CA LEU A 308 -5.25 17.84 10.45
C LEU A 308 -6.23 16.89 9.80
N ALA A 309 -6.29 15.67 10.32
CA ALA A 309 -7.13 14.59 9.76
C ALA A 309 -7.83 13.85 10.89
N TRP A 310 -8.72 12.94 10.49
CA TRP A 310 -9.37 11.94 11.37
C TRP A 310 -8.36 10.80 11.58
N ALA A 311 -8.03 10.50 12.84
CA ALA A 311 -6.96 9.54 13.20
C ALA A 311 -7.53 8.13 13.39
N SER A 312 -8.16 7.59 12.34
CA SER A 312 -8.64 6.19 12.34
C SER A 312 -8.80 5.70 10.90
N ASN A 313 -9.30 4.49 10.75
CA ASN A 313 -9.46 3.82 9.43
C ASN A 313 -10.89 3.24 9.39
N TRP A 314 -11.62 3.47 8.30
CA TRP A 314 -13.04 3.04 8.18
C TRP A 314 -13.19 1.53 8.41
N GLN A 315 -12.15 0.74 8.18
CA GLN A 315 -12.25 -0.73 8.32
C GLN A 315 -12.63 -1.12 9.76
N TYR A 316 -12.13 -0.43 10.78
CA TYR A 316 -12.27 -0.85 12.21
C TYR A 316 -12.62 0.33 13.13
N ALA A 317 -12.74 1.55 12.63
CA ALA A 317 -12.90 2.78 13.46
C ALA A 317 -14.05 2.61 14.47
N ASP A 318 -15.17 1.99 14.08
CA ASP A 318 -16.39 1.97 14.93
C ASP A 318 -16.37 0.76 15.88
N GLN A 319 -15.25 0.03 15.96
CA GLN A 319 -15.15 -1.20 16.78
C GLN A 319 -14.03 -1.12 17.83
N VAL A 320 -13.21 -0.08 17.83
CA VAL A 320 -12.03 -0.01 18.76
C VAL A 320 -12.54 0.13 20.20
N PRO A 321 -11.82 -0.41 21.21
CA PRO A 321 -12.32 -0.46 22.58
C PRO A 321 -12.15 0.85 23.38
N THR A 322 -12.84 1.88 22.93
CA THR A 322 -12.95 3.15 23.68
C THR A 322 -14.42 3.41 24.00
N ASN A 323 -14.66 4.06 25.12
CA ASN A 323 -16.03 4.38 25.58
C ASN A 323 -15.89 5.47 26.63
N PRO A 324 -16.76 6.52 26.66
CA PRO A 324 -17.96 6.63 25.83
C PRO A 324 -17.88 7.43 24.53
N TRP A 325 -16.69 7.48 23.93
CA TRP A 325 -16.45 8.17 22.63
C TRP A 325 -15.72 7.19 21.70
N ARG A 326 -15.73 7.47 20.39
CA ARG A 326 -14.72 6.88 19.47
C ARG A 326 -14.17 7.98 18.56
N SER A 327 -12.85 7.95 18.37
CA SER A 327 -12.05 8.69 17.36
C SER A 327 -11.41 9.91 18.00
N SER A 328 -10.18 10.19 17.61
CA SER A 328 -9.52 11.51 17.78
C SER A 328 -9.18 12.06 16.39
N THR A 329 -8.84 13.34 16.34
CA THR A 329 -8.12 13.94 15.21
C THR A 329 -6.64 13.62 15.42
N SER A 330 -5.85 13.76 14.36
CA SER A 330 -4.38 13.86 14.42
C SER A 330 -3.99 15.17 15.13
N LEU A 331 -2.71 15.36 15.45
CA LEU A 331 -2.22 16.72 15.77
C LEU A 331 -2.39 17.61 14.53
N ALA A 332 -2.45 18.92 14.76
CA ALA A 332 -2.29 19.92 13.68
C ALA A 332 -0.88 19.77 13.14
N ARG A 333 -0.73 19.81 11.82
CA ARG A 333 0.60 19.71 11.18
C ARG A 333 0.84 20.92 10.27
N ASN A 334 2.12 21.21 10.07
CA ASN A 334 2.60 22.38 9.29
C ASN A 334 3.19 21.83 7.99
N TYR A 335 2.63 22.21 6.85
CA TYR A 335 2.93 21.61 5.52
C TYR A 335 3.84 22.55 4.72
N THR A 336 4.96 22.00 4.25
CA THR A 336 5.87 22.67 3.29
C THR A 336 6.23 21.68 2.17
N LEU A 337 6.92 22.18 1.16
CA LEU A 337 7.52 21.37 0.06
C LEU A 337 9.04 21.53 0.13
N ARG A 338 9.75 20.41 0.00
CA ARG A 338 11.23 20.34 0.07
C ARG A 338 11.74 19.41 -1.04
N TYR A 339 12.85 19.76 -1.69
CA TYR A 339 13.54 18.85 -2.64
C TYR A 339 14.29 17.83 -1.78
N VAL A 340 13.93 16.55 -1.87
CA VAL A 340 14.57 15.47 -1.05
C VAL A 340 14.93 14.31 -1.97
N HIS A 341 16.00 13.61 -1.62
CA HIS A 341 16.47 12.37 -2.30
C HIS A 341 15.43 11.28 -2.06
N THR A 342 14.81 10.78 -3.13
CA THR A 342 13.94 9.58 -3.09
C THR A 342 14.79 8.37 -3.46
N ASN A 343 15.94 8.60 -4.09
CA ASN A 343 17.00 7.57 -4.28
C ASN A 343 18.34 8.31 -4.26
N ALA A 344 19.45 7.58 -4.35
CA ALA A 344 20.82 8.13 -4.24
C ALA A 344 21.06 9.20 -5.33
N GLU A 345 20.46 9.06 -6.50
CA GLU A 345 20.75 9.91 -7.68
C GLU A 345 19.80 11.12 -7.75
N THR A 346 18.54 10.98 -7.33
CA THR A 346 17.43 11.86 -7.78
C THR A 346 16.70 12.48 -6.60
N LYS A 347 16.46 13.79 -6.68
CA LYS A 347 15.63 14.58 -5.74
C LYS A 347 14.26 14.83 -6.36
N GLN A 348 13.21 14.78 -5.54
CA GLN A 348 11.81 15.09 -5.95
C GLN A 348 11.30 16.17 -4.98
N LEU A 349 10.55 17.14 -5.51
CA LEU A 349 9.82 18.12 -4.67
C LEU A 349 8.75 17.36 -3.90
N THR A 350 8.87 17.26 -2.58
CA THR A 350 8.11 16.32 -1.73
C THR A 350 7.35 17.05 -0.62
N LEU A 351 6.14 16.59 -0.30
CA LEU A 351 5.32 17.18 0.79
C LEU A 351 5.97 16.82 2.14
N ILE A 352 6.29 17.85 2.91
CA ILE A 352 6.88 17.76 4.28
C ILE A 352 5.81 18.17 5.29
N GLN A 353 5.71 17.46 6.41
CA GLN A 353 4.80 17.82 7.52
C GLN A 353 5.51 17.61 8.85
N ASN A 354 5.33 18.56 9.76
CA ASN A 354 5.89 18.55 11.13
C ASN A 354 4.77 18.93 12.09
N PRO A 355 4.75 18.33 13.31
CA PRO A 355 3.65 18.54 14.23
C PRO A 355 3.68 19.95 14.82
N VAL A 356 2.49 20.47 15.11
CA VAL A 356 2.34 21.77 15.83
C VAL A 356 2.25 21.43 17.31
N LEU A 357 3.31 21.76 18.05
CA LEU A 357 3.45 21.49 19.50
C LEU A 357 3.98 22.74 20.17
N PRO A 358 3.09 23.67 20.60
CA PRO A 358 3.53 24.95 21.16
C PRO A 358 4.09 24.78 22.58
N ASP A 359 4.54 25.88 23.18
CA ASP A 359 5.21 25.89 24.50
C ASP A 359 4.18 25.88 25.65
N SER A 360 2.87 25.86 25.34
CA SER A 360 1.78 25.71 26.35
C SER A 360 1.76 24.28 26.89
N ILE A 361 2.46 23.35 26.23
CA ILE A 361 2.61 21.94 26.71
C ILE A 361 3.71 21.91 27.78
N ASN A 362 3.36 21.38 28.96
CA ASN A 362 4.30 21.21 30.10
C ASN A 362 5.16 19.99 29.87
N VAL A 363 6.47 20.13 30.12
CA VAL A 363 7.42 18.99 30.25
C VAL A 363 7.42 18.54 31.70
N VAL A 364 6.87 17.36 31.98
CA VAL A 364 6.81 16.83 33.38
C VAL A 364 8.22 16.36 33.74
N ASP A 365 8.90 15.70 32.81
CA ASP A 365 10.24 15.10 33.03
C ASP A 365 10.86 14.80 31.66
N LYS A 366 12.19 14.71 31.60
CA LYS A 366 12.84 14.35 30.33
C LYS A 366 14.17 13.64 30.59
N LEU A 367 14.58 12.91 29.56
CA LEU A 367 15.87 12.21 29.43
C LEU A 367 16.54 12.81 28.19
N LYS A 368 17.75 13.35 28.37
CA LYS A 368 18.55 13.98 27.29
C LYS A 368 19.89 13.26 27.26
N LYS A 369 20.33 12.84 26.07
CA LYS A 369 21.62 12.13 25.89
C LYS A 369 22.22 12.60 24.57
N LYS A 370 23.53 12.43 24.47
CA LYS A 370 24.35 13.01 23.39
C LYS A 370 25.48 12.04 23.05
N ASN A 371 25.68 11.76 21.75
CA ASN A 371 26.84 10.98 21.23
C ASN A 371 26.92 9.63 21.93
N VAL A 372 25.81 8.88 21.98
CA VAL A 372 25.83 7.54 22.65
C VAL A 372 25.98 6.45 21.58
N LYS A 373 26.99 5.60 21.75
CA LYS A 373 27.19 4.42 20.88
C LYS A 373 26.32 3.30 21.44
N LEU A 374 25.22 2.98 20.76
CA LEU A 374 24.23 1.99 21.24
C LEU A 374 24.81 0.56 21.14
N THR A 375 24.63 -0.24 22.19
CA THR A 375 24.99 -1.69 22.26
C THR A 375 24.00 -2.39 23.20
N ASN A 376 24.09 -3.72 23.29
CA ASN A 376 23.19 -4.56 24.11
C ASN A 376 23.44 -4.33 25.61
N LYS A 377 24.60 -3.81 25.99
CA LYS A 377 24.95 -3.50 27.41
C LYS A 377 24.72 -2.02 27.70
N LYS A 378 24.30 -1.24 26.70
CA LYS A 378 24.06 0.22 26.87
C LYS A 378 22.67 0.64 26.38
N PRO A 379 21.58 0.09 26.94
CA PRO A 379 20.23 0.51 26.51
C PRO A 379 19.90 1.87 27.12
N ILE A 380 19.01 2.62 26.47
CA ILE A 380 18.47 3.90 27.01
C ILE A 380 17.15 3.57 27.70
N LYS A 381 16.98 3.93 28.97
CA LYS A 381 15.75 3.57 29.73
C LYS A 381 15.24 4.79 30.52
N THR A 382 13.99 5.24 30.29
CA THR A 382 13.39 6.34 31.11
C THR A 382 13.11 5.80 32.50
N ASN A 383 13.22 6.70 33.46
CA ASN A 383 12.98 6.30 34.86
C ASN A 383 12.17 7.41 35.53
N PHE A 384 11.02 7.75 34.95
CA PHE A 384 10.16 8.87 35.39
C PHE A 384 9.32 8.43 36.59
N LYS A 385 8.99 9.37 37.48
CA LYS A 385 8.28 9.07 38.76
C LYS A 385 6.91 8.46 38.44
N GLY A 386 6.12 9.10 37.57
CA GLY A 386 4.81 8.54 37.15
C GLY A 386 4.67 8.52 35.65
N SER A 387 3.43 8.53 35.15
CA SER A 387 3.10 8.67 33.72
C SER A 387 1.80 9.44 33.48
N THR A 388 1.83 10.36 32.54
CA THR A 388 0.66 11.01 31.88
C THR A 388 0.10 10.16 30.73
N GLY A 389 0.86 9.20 30.24
CA GLY A 389 0.55 8.46 28.99
C GLY A 389 0.87 9.26 27.74
N LEU A 390 1.46 10.44 27.89
CA LEU A 390 1.83 11.35 26.79
C LEU A 390 3.35 11.57 26.82
N PHE A 391 4.02 11.14 25.76
CA PHE A 391 5.50 11.16 25.63
C PHE A 391 5.86 11.58 24.21
N ASP A 392 7.02 12.22 24.05
CA ASP A 392 7.63 12.34 22.70
C ASP A 392 9.10 11.91 22.80
N PHE A 393 9.63 11.49 21.66
CA PHE A 393 11.04 11.07 21.52
C PHE A 393 11.57 11.71 20.24
N ASN A 394 12.75 12.32 20.36
CA ASN A 394 13.41 13.07 19.26
C ASN A 394 14.81 12.52 19.15
N ILE A 395 15.12 11.83 18.04
CA ILE A 395 16.43 11.12 17.89
C ILE A 395 17.06 11.50 16.55
N THR A 396 18.36 11.81 16.55
CA THR A 396 19.19 11.91 15.33
C THR A 396 20.24 10.83 15.48
N PHE A 397 20.26 9.87 14.56
CA PHE A 397 21.18 8.72 14.67
C PHE A 397 21.99 8.61 13.38
N LYS A 398 23.08 7.87 13.52
CA LYS A 398 24.06 7.64 12.45
C LYS A 398 24.40 6.15 12.39
N VAL A 399 24.50 5.57 11.17
CA VAL A 399 24.82 4.12 10.97
C VAL A 399 26.34 3.99 10.78
N LEU A 400 27.00 3.28 11.70
CA LEU A 400 28.47 3.07 11.67
C LEU A 400 28.80 1.92 10.71
N ASN A 401 30.08 1.80 10.35
CA ASN A 401 30.61 0.74 9.45
C ASN A 401 30.97 -0.48 10.29
N LEU A 402 29.96 -1.24 10.70
CA LEU A 402 30.12 -2.49 11.48
C LEU A 402 29.31 -3.58 10.77
N ASN A 403 29.93 -4.74 10.56
CA ASN A 403 29.26 -5.95 10.00
C ASN A 403 28.72 -6.76 11.17
N VAL A 404 27.41 -6.96 11.20
CA VAL A 404 26.74 -7.77 12.25
C VAL A 404 25.89 -8.80 11.52
N SER A 405 25.53 -9.89 12.21
CA SER A 405 24.66 -10.95 11.63
C SER A 405 23.30 -10.35 11.28
N PRO A 406 22.58 -10.90 10.28
CA PRO A 406 21.40 -10.26 9.69
C PRO A 406 20.23 -9.98 10.66
N GLY A 407 20.14 -10.74 11.76
CA GLY A 407 19.08 -10.56 12.78
C GLY A 407 19.32 -9.36 13.69
N LYS A 408 20.47 -8.68 13.55
CA LYS A 408 20.92 -7.66 14.51
C LYS A 408 21.16 -6.30 13.86
N THR A 409 20.84 -6.14 12.57
CA THR A 409 21.03 -4.88 11.83
C THR A 409 19.92 -3.87 12.15
N HIS A 410 19.57 -3.70 13.42
CA HIS A 410 18.45 -2.80 13.82
C HIS A 410 18.47 -2.43 15.30
N PHE A 411 17.75 -1.37 15.62
CA PHE A 411 17.51 -0.90 17.01
C PHE A 411 16.01 -0.62 17.14
N ASP A 412 15.51 -0.68 18.36
CA ASP A 412 14.06 -0.65 18.67
C ASP A 412 13.81 0.34 19.81
N ILE A 413 12.77 1.13 19.62
CA ILE A 413 12.16 2.01 20.66
C ILE A 413 10.97 1.22 21.20
N LEU A 414 11.01 0.84 22.46
CA LEU A 414 9.92 0.08 23.13
C LEU A 414 9.09 1.06 23.95
N ILE A 415 7.78 1.08 23.72
CA ILE A 415 6.80 1.85 24.52
C ILE A 415 6.04 0.86 25.38
N ASN A 416 6.35 0.87 26.68
CA ASN A 416 5.88 -0.14 27.66
C ASN A 416 4.77 0.48 28.52
N SER A 417 3.70 -0.27 28.74
CA SER A 417 2.69 0.01 29.78
C SER A 417 3.31 -0.20 31.15
N GLN A 418 2.58 0.15 32.20
CA GLN A 418 2.85 -0.32 33.58
C GLN A 418 2.51 -1.81 33.63
N GLU A 419 3.09 -2.53 34.58
CA GLU A 419 2.72 -3.94 34.85
C GLU A 419 1.34 -3.94 35.53
N LEU A 420 0.38 -4.65 34.95
CA LEU A 420 -0.99 -4.83 35.50
C LEU A 420 -1.38 -6.28 35.30
N ASN A 421 -2.00 -6.91 36.28
CA ASN A 421 -2.33 -8.36 36.20
C ASN A 421 -1.07 -9.13 35.72
N SER A 422 0.11 -8.77 36.23
CA SER A 422 1.40 -9.52 36.06
C SER A 422 1.97 -9.43 34.63
N SER A 423 1.42 -8.60 33.74
CA SER A 423 2.02 -8.40 32.38
C SER A 423 2.14 -6.92 31.99
N VAL A 424 3.06 -6.68 31.07
CA VAL A 424 3.36 -5.37 30.42
C VAL A 424 2.96 -5.49 28.95
N ASP A 425 2.15 -4.55 28.45
CA ASP A 425 1.84 -4.41 27.01
C ASP A 425 2.84 -3.44 26.41
N SER A 426 3.21 -3.63 25.15
CA SER A 426 4.20 -2.74 24.49
C SER A 426 3.95 -2.65 22.98
N ILE A 427 4.34 -1.52 22.42
CA ILE A 427 4.44 -1.35 20.94
C ILE A 427 5.89 -0.96 20.65
N LYS A 428 6.32 -1.23 19.43
CA LYS A 428 7.76 -1.23 19.06
C LYS A 428 7.89 -0.35 17.81
N ILE A 429 8.81 0.61 17.83
CA ILE A 429 9.21 1.41 16.64
C ILE A 429 10.70 1.17 16.42
N GLY A 430 11.10 0.80 15.21
CA GLY A 430 12.50 0.41 14.97
C GLY A 430 13.00 0.96 13.67
N PHE A 431 14.31 0.76 13.45
CA PHE A 431 15.00 1.05 12.17
C PHE A 431 15.93 -0.12 11.85
N ASP A 432 15.92 -0.57 10.59
CA ASP A 432 16.85 -1.61 10.08
C ASP A 432 17.81 -0.96 9.09
N SER A 433 19.11 -1.01 9.37
CA SER A 433 20.19 -0.40 8.54
C SER A 433 20.37 -1.16 7.22
N SER A 434 20.12 -2.47 7.16
CA SER A 434 20.19 -3.24 5.88
C SER A 434 19.07 -2.80 4.93
N GLN A 435 17.90 -2.40 5.45
CA GLN A 435 16.71 -2.05 4.63
C GLN A 435 16.53 -0.53 4.50
N SER A 436 17.32 0.25 5.25
CA SER A 436 17.18 1.73 5.31
C SER A 436 15.71 2.08 5.54
N SER A 437 15.04 1.33 6.42
CA SER A 437 13.58 1.43 6.65
C SER A 437 13.27 1.44 8.14
N PHE A 438 12.36 2.33 8.50
CA PHE A 438 11.70 2.36 9.84
C PHE A 438 10.60 1.33 9.80
N TYR A 439 10.18 0.84 10.97
CA TYR A 439 9.01 -0.05 11.10
C TYR A 439 8.32 0.21 12.45
N ILE A 440 7.05 -0.13 12.50
CA ILE A 440 6.26 -0.19 13.77
C ILE A 440 5.65 -1.59 13.87
N ASP A 441 5.55 -2.09 15.09
CA ASP A 441 4.74 -3.29 15.42
C ASP A 441 3.79 -2.87 16.54
N ARG A 442 2.49 -2.75 16.21
CA ARG A 442 1.45 -2.32 17.19
C ARG A 442 0.65 -3.55 17.62
N HIS A 443 1.14 -4.75 17.34
CA HIS A 443 0.49 -6.02 17.76
C HIS A 443 0.44 -6.09 19.29
N ILE A 444 -0.76 -6.19 19.86
CA ILE A 444 -0.92 -6.37 21.32
C ILE A 444 -1.75 -7.64 21.52
N PRO A 445 -1.13 -8.73 22.02
CA PRO A 445 -1.85 -9.98 22.27
C PRO A 445 -2.84 -9.79 23.43
N ASN A 446 -3.98 -10.47 23.31
CA ASN A 446 -5.08 -10.59 24.30
C ASN A 446 -6.03 -9.38 24.20
N VAL A 447 -5.74 -8.36 23.41
CA VAL A 447 -6.74 -7.30 23.13
C VAL A 447 -7.51 -7.71 21.87
N GLU A 448 -8.83 -7.89 21.98
CA GLU A 448 -9.65 -8.40 20.85
C GLU A 448 -10.82 -7.45 20.60
N PHE A 449 -11.15 -7.22 19.33
CA PHE A 449 -12.35 -6.44 18.94
C PHE A 449 -12.73 -6.82 17.53
N PRO A 450 -14.02 -6.62 17.16
CA PRO A 450 -14.46 -6.92 15.81
C PRO A 450 -13.60 -6.25 14.73
N ARG A 451 -13.40 -6.96 13.62
CA ARG A 451 -12.70 -6.50 12.38
C ARG A 451 -11.21 -6.24 12.68
N LYS A 452 -10.62 -6.93 13.65
CA LYS A 452 -9.18 -6.83 13.93
C LYS A 452 -8.36 -7.52 12.82
N GLN A 453 -8.98 -8.36 11.98
CA GLN A 453 -8.34 -8.99 10.78
C GLN A 453 -7.84 -7.90 9.83
N PHE A 454 -8.42 -6.70 9.89
CA PHE A 454 -8.04 -5.55 9.03
C PHE A 454 -7.09 -4.61 9.78
N PHE A 455 -6.87 -4.84 11.07
CA PHE A 455 -6.04 -3.97 11.94
C PHE A 455 -4.57 -4.33 11.72
N THR A 456 -3.98 -3.87 10.61
CA THR A 456 -2.61 -4.22 10.21
C THR A 456 -1.66 -3.88 11.37
N ASP A 457 -0.81 -4.81 11.78
CA ASP A 457 0.09 -4.64 12.96
C ASP A 457 1.46 -4.11 12.53
N LYS A 458 1.97 -4.48 11.34
CA LYS A 458 3.37 -4.16 10.95
C LYS A 458 3.35 -3.24 9.74
N LEU A 459 3.95 -2.07 9.90
CA LEU A 459 4.07 -1.07 8.80
C LEU A 459 5.52 -0.59 8.72
N ALA A 460 5.98 -0.28 7.52
CA ALA A 460 7.38 0.13 7.29
C ALA A 460 7.40 1.39 6.44
N ALA A 461 8.54 2.07 6.44
CA ALA A 461 8.79 3.27 5.62
C ALA A 461 10.25 3.31 5.21
N TYR A 462 10.54 3.16 3.92
CA TYR A 462 11.88 3.34 3.32
C TYR A 462 12.22 4.83 3.24
N LEU A 463 13.40 5.22 3.70
CA LEU A 463 13.93 6.59 3.50
C LEU A 463 15.40 6.56 3.08
N GLU A 464 15.76 7.49 2.21
CA GLU A 464 17.18 7.85 1.96
C GLU A 464 17.68 8.57 3.22
N PRO A 465 19.01 8.59 3.46
CA PRO A 465 19.54 9.29 4.63
C PRO A 465 19.12 10.76 4.57
N LEU A 466 18.88 11.33 5.76
CA LEU A 466 18.70 12.79 5.97
C LEU A 466 19.97 13.51 5.50
N ASP A 467 21.15 12.96 5.83
CA ASP A 467 22.46 13.62 5.56
C ASP A 467 23.56 12.57 5.62
N TYR A 468 24.78 12.96 5.28
CA TYR A 468 25.98 12.10 5.38
C TYR A 468 27.03 12.82 6.23
N ASP A 469 27.62 12.10 7.19
CA ASP A 469 28.77 12.61 7.99
C ASP A 469 29.99 11.84 7.49
N GLN A 470 30.76 12.49 6.61
CA GLN A 470 31.83 11.84 5.79
C GLN A 470 31.12 10.82 4.92
N ASP A 471 31.20 9.52 5.25
CA ASP A 471 30.57 8.44 4.45
C ASP A 471 29.42 7.79 5.24
N LEU A 472 29.21 8.19 6.50
CA LEU A 472 28.21 7.52 7.37
C LEU A 472 26.83 8.13 7.12
N ARG A 473 25.83 7.27 6.98
CA ARG A 473 24.40 7.68 6.74
C ARG A 473 23.83 8.25 8.03
N VAL A 474 23.14 9.39 7.94
CA VAL A 474 22.46 10.04 9.10
C VAL A 474 20.95 10.07 8.85
N PHE A 475 20.17 9.79 9.89
CA PHE A 475 18.68 9.78 9.85
C PHE A 475 18.16 10.49 11.09
N SER A 476 16.93 11.00 11.03
CA SER A 476 16.24 11.58 12.21
C SER A 476 14.85 10.96 12.36
N LEU A 477 14.31 11.01 13.57
CA LEU A 477 12.98 10.44 13.87
C LEU A 477 12.36 11.26 15.01
N TYR A 478 11.17 11.82 14.80
CA TYR A 478 10.37 12.41 15.89
C TYR A 478 9.07 11.62 16.03
N GLY A 479 8.75 11.24 17.26
CA GLY A 479 7.54 10.47 17.57
C GLY A 479 6.82 11.06 18.76
N ILE A 480 5.48 11.00 18.74
CA ILE A 480 4.68 11.41 19.91
C ILE A 480 3.60 10.34 20.15
N VAL A 481 3.53 9.88 21.40
CA VAL A 481 2.54 8.88 21.90
C VAL A 481 1.57 9.61 22.82
N ASP A 482 0.28 9.52 22.53
CA ASP A 482 -0.78 10.17 23.33
C ASP A 482 -1.87 9.15 23.65
N LYS A 483 -1.57 8.25 24.59
CA LYS A 483 -2.47 7.21 25.18
C LYS A 483 -2.94 6.15 24.18
N ASN A 484 -3.47 6.49 23.02
CA ASN A 484 -3.93 5.44 22.10
C ASN A 484 -3.52 5.75 20.67
N ILE A 485 -2.66 6.74 20.46
CA ILE A 485 -2.26 7.16 19.09
C ILE A 485 -0.76 7.46 19.08
N ILE A 486 -0.08 7.02 18.03
CA ILE A 486 1.35 7.35 17.82
C ILE A 486 1.51 7.96 16.43
N GLU A 487 2.19 9.10 16.39
CA GLU A 487 2.53 9.86 15.17
C GLU A 487 4.04 9.86 15.04
N LEU A 488 4.55 9.37 13.92
CA LEU A 488 6.01 9.31 13.63
C LEU A 488 6.29 10.23 12.46
N TYR A 489 7.37 10.99 12.58
CA TYR A 489 7.86 11.90 11.52
C TYR A 489 9.32 11.53 11.24
N PHE A 490 9.58 11.00 10.06
CA PHE A 490 10.93 10.52 9.67
C PHE A 490 11.66 11.63 8.89
N ASN A 491 12.93 11.85 9.22
CA ASN A 491 13.88 12.76 8.50
C ASN A 491 13.25 14.15 8.39
N ASP A 492 12.94 14.75 9.56
CA ASP A 492 12.39 16.12 9.67
C ASP A 492 11.13 16.24 8.81
N GLY A 493 10.23 15.26 8.91
CA GLY A 493 8.89 15.30 8.30
C GLY A 493 8.86 14.90 6.84
N THR A 494 9.92 14.24 6.34
CA THR A 494 9.97 13.74 4.93
C THR A 494 8.84 12.71 4.73
N VAL A 495 8.63 11.86 5.74
CA VAL A 495 7.56 10.82 5.74
C VAL A 495 6.87 10.86 7.10
N ALA A 496 5.54 10.81 7.10
CA ALA A 496 4.71 10.80 8.32
C ALA A 496 3.92 9.48 8.37
N MET A 497 3.72 8.94 9.57
CA MET A 497 2.99 7.66 9.77
C MET A 497 2.20 7.76 11.07
N THR A 498 0.87 7.70 10.97
CA THR A 498 -0.07 7.82 12.09
C THR A 498 -0.77 6.48 12.33
N ASN A 499 -0.76 5.99 13.56
CA ASN A 499 -1.38 4.68 13.91
C ASN A 499 -1.97 4.75 15.31
N THR A 500 -3.20 4.26 15.47
CA THR A 500 -3.80 4.01 16.81
C THR A 500 -3.25 2.69 17.35
N PHE A 501 -3.33 2.50 18.65
CA PHE A 501 -2.97 1.23 19.34
C PHE A 501 -3.81 1.09 20.61
N PHE A 502 -4.19 -0.14 20.95
CA PHE A 502 -5.10 -0.45 22.09
C PHE A 502 -4.44 -1.50 22.99
N MET A 503 -3.85 -1.02 24.07
CA MET A 503 -3.34 -1.83 25.20
C MET A 503 -4.53 -2.38 25.99
N GLY A 504 -4.25 -3.41 26.80
CA GLY A 504 -5.24 -4.07 27.66
C GLY A 504 -5.89 -3.09 28.61
N GLU A 505 -7.07 -3.45 29.10
CA GLU A 505 -7.85 -2.64 30.07
C GLU A 505 -6.93 -2.11 31.19
N GLY A 506 -6.93 -0.79 31.41
CA GLY A 506 -6.17 -0.12 32.47
C GLY A 506 -4.74 0.20 32.08
N LYS A 507 -4.23 -0.33 30.96
CA LYS A 507 -2.80 -0.16 30.60
C LYS A 507 -2.64 1.07 29.71
N TYR A 508 -1.59 1.84 29.93
CA TYR A 508 -1.21 2.96 29.05
C TYR A 508 0.30 3.17 29.14
N PRO A 509 0.88 3.86 28.15
CA PRO A 509 2.34 4.05 28.10
C PRO A 509 2.88 4.61 29.42
N HIS A 510 3.96 4.02 29.94
CA HIS A 510 4.61 4.40 31.23
C HIS A 510 6.10 4.62 31.07
N ASP A 511 6.81 3.82 30.28
CA ASP A 511 8.27 4.06 30.13
C ASP A 511 8.71 3.75 28.70
N ILE A 512 9.83 4.33 28.28
CA ILE A 512 10.37 4.18 26.91
C ILE A 512 11.81 3.66 27.03
N GLN A 513 12.14 2.65 26.23
CA GLN A 513 13.50 2.08 26.12
C GLN A 513 13.96 2.20 24.66
N ILE A 514 15.26 2.39 24.46
CA ILE A 514 15.93 2.25 23.14
C ILE A 514 16.97 1.14 23.30
N VAL A 515 16.83 0.04 22.55
CA VAL A 515 17.67 -1.18 22.71
C VAL A 515 18.16 -1.67 21.34
N THR A 516 19.22 -2.47 21.37
CA THR A 516 19.83 -3.17 20.21
C THR A 516 20.46 -4.46 20.73
N ASP A 517 20.62 -5.45 19.87
CA ASP A 517 21.26 -6.75 20.25
C ASP A 517 22.73 -6.74 19.84
N THR A 518 23.22 -5.70 19.16
CA THR A 518 24.62 -5.66 18.68
C THR A 518 25.56 -5.56 19.89
N GLU A 519 26.65 -6.33 19.90
CA GLU A 519 27.64 -6.32 21.00
C GLU A 519 28.55 -5.10 20.84
N GLU A 520 28.97 -4.79 19.60
CA GLU A 520 29.69 -3.54 19.27
C GLU A 520 28.69 -2.55 18.65
N PRO A 521 29.00 -1.24 18.61
CA PRO A 521 28.05 -0.24 18.13
C PRO A 521 27.81 -0.19 16.61
N LEU A 522 26.58 -0.46 16.19
CA LEU A 522 26.12 -0.26 14.79
C LEU A 522 25.50 1.13 14.66
N PHE A 523 24.84 1.62 15.72
CA PHE A 523 24.15 2.94 15.71
C PHE A 523 24.78 3.88 16.74
N GLU A 524 25.11 5.09 16.31
CA GLU A 524 25.47 6.20 17.25
C GLU A 524 24.28 7.14 17.30
N LEU A 525 23.70 7.34 18.49
CA LEU A 525 22.64 8.36 18.71
C LEU A 525 23.32 9.70 19.00
N GLU A 526 23.40 10.58 17.99
CA GLU A 526 24.04 11.92 18.13
C GLU A 526 23.24 12.70 19.18
N SER A 527 21.91 12.62 19.12
CA SER A 527 21.01 13.35 20.02
C SER A 527 19.78 12.49 20.35
N VAL A 528 19.41 12.43 21.62
CA VAL A 528 18.21 11.70 22.11
C VAL A 528 17.51 12.58 23.15
N ILE A 529 16.25 12.95 22.90
CA ILE A 529 15.40 13.70 23.87
C ILE A 529 14.07 12.95 23.98
N ILE A 530 13.79 12.40 25.17
CA ILE A 530 12.52 11.70 25.50
C ILE A 530 11.86 12.51 26.61
N ARG A 531 10.64 12.98 26.39
CA ARG A 531 9.93 13.80 27.40
C ARG A 531 8.58 13.18 27.75
N GLU A 532 8.22 13.25 29.03
CA GLU A 532 6.85 13.07 29.54
C GLU A 532 6.19 14.46 29.53
N LEU A 533 5.06 14.58 28.85
CA LEU A 533 4.37 15.87 28.64
C LEU A 533 2.99 15.85 29.30
N ASN A 534 2.39 17.02 29.45
CA ASN A 534 1.06 17.21 30.07
C ASN A 534 0.41 18.44 29.45
N LYS A 535 -0.90 18.59 29.62
CA LYS A 535 -1.61 19.86 29.31
C LYS A 535 -1.33 20.87 30.42
N SER B 24 27.82 -20.01 1.55
CA SER B 24 28.22 -21.45 1.67
C SER B 24 26.98 -22.28 2.01
N ILE B 25 26.51 -23.15 1.14
CA ILE B 25 25.23 -23.86 1.42
C ILE B 25 25.52 -25.07 2.32
N ASP B 26 24.71 -25.21 3.38
CA ASP B 26 24.76 -26.30 4.40
C ASP B 26 23.82 -27.41 3.92
N LEU B 27 24.36 -28.44 3.24
CA LEU B 27 23.59 -29.57 2.68
C LEU B 27 23.17 -30.55 3.79
N SER B 28 23.56 -30.25 5.02
CA SER B 28 23.21 -31.05 6.23
C SER B 28 21.72 -30.89 6.54
N VAL B 29 21.20 -29.66 6.46
CA VAL B 29 19.80 -29.32 6.82
C VAL B 29 18.96 -29.19 5.55
N ASP B 30 17.98 -30.07 5.35
CA ASP B 30 17.09 -30.00 4.17
C ASP B 30 15.65 -29.89 4.66
N THR B 31 14.99 -28.76 4.38
CA THR B 31 13.61 -28.44 4.83
C THR B 31 12.59 -28.90 3.79
N SER B 32 13.06 -29.47 2.66
CA SER B 32 12.24 -29.81 1.47
C SER B 32 10.96 -30.55 1.84
N GLU B 33 11.05 -31.60 2.65
CA GLU B 33 9.91 -32.50 3.01
C GLU B 33 8.71 -31.67 3.47
N TYR B 34 8.92 -30.60 4.24
CA TYR B 34 7.77 -29.84 4.79
C TYR B 34 7.59 -28.47 4.10
N ASN B 35 8.55 -27.89 3.40
CA ASN B 35 8.28 -26.52 2.87
C ASN B 35 8.83 -26.27 1.46
N ARG B 36 9.25 -27.30 0.69
CA ARG B 36 9.60 -27.08 -0.74
C ARG B 36 8.33 -27.28 -1.56
N PRO B 37 7.85 -26.24 -2.27
CA PRO B 37 6.68 -26.39 -3.14
C PRO B 37 6.78 -27.55 -4.14
N LEU B 38 5.63 -28.16 -4.47
CA LEU B 38 5.53 -29.28 -5.43
C LEU B 38 5.42 -28.77 -6.88
N ILE B 39 4.66 -27.70 -7.15
CA ILE B 39 4.40 -27.28 -8.56
C ILE B 39 4.83 -25.82 -8.82
N HIS B 40 5.51 -25.18 -7.87
CA HIS B 40 6.23 -23.91 -8.12
C HIS B 40 7.71 -24.23 -8.31
N PHE B 41 8.31 -23.74 -9.39
CA PHE B 41 9.75 -23.99 -9.66
C PHE B 41 10.58 -23.44 -8.49
N THR B 42 11.51 -24.28 -8.00
CA THR B 42 12.63 -23.89 -7.11
C THR B 42 13.90 -24.51 -7.65
N PRO B 43 15.05 -23.83 -7.55
CA PRO B 43 16.33 -24.46 -7.87
C PRO B 43 16.59 -25.55 -6.82
N GLU B 44 17.22 -26.65 -7.23
CA GLU B 44 17.58 -27.73 -6.28
C GLU B 44 18.36 -27.15 -5.10
N LYS B 45 19.32 -26.25 -5.35
CA LYS B 45 20.07 -25.59 -4.26
C LYS B 45 20.51 -24.19 -4.69
N GLY B 46 20.85 -23.34 -3.73
CA GLY B 46 21.33 -21.98 -4.02
C GLY B 46 20.20 -20.95 -3.99
N TRP B 47 20.48 -19.76 -4.50
CA TRP B 47 19.55 -18.58 -4.42
C TRP B 47 18.95 -18.31 -5.80
N MET B 48 17.65 -18.03 -5.86
CA MET B 48 17.00 -17.57 -7.11
C MET B 48 16.25 -16.27 -6.82
N ASN B 49 16.32 -15.29 -7.75
CA ASN B 49 15.41 -14.11 -7.71
C ASN B 49 14.72 -14.01 -9.08
N ALA B 50 14.77 -12.86 -9.75
CA ALA B 50 13.93 -12.52 -10.94
C ALA B 50 13.98 -13.62 -12.00
N PRO B 51 12.81 -14.00 -12.58
CA PRO B 51 12.77 -14.87 -13.76
C PRO B 51 13.26 -14.09 -14.98
N ASN B 52 13.91 -14.79 -15.93
CA ASN B 52 14.55 -14.17 -17.11
C ASN B 52 14.31 -15.02 -18.35
N GLY B 53 14.42 -14.40 -19.51
CA GLY B 53 14.46 -15.04 -20.83
C GLY B 53 13.34 -16.03 -21.04
N LEU B 54 12.16 -15.75 -20.51
CA LEU B 54 10.99 -16.66 -20.61
C LEU B 54 10.60 -16.78 -22.08
N PHE B 55 10.51 -18.01 -22.57
CA PHE B 55 10.04 -18.23 -23.95
C PHE B 55 9.56 -19.66 -24.14
N TYR B 56 8.79 -19.85 -25.20
CA TYR B 56 8.28 -21.15 -25.69
C TYR B 56 8.99 -21.53 -27.00
N ASP B 57 9.56 -22.73 -27.01
CA ASP B 57 10.18 -23.35 -28.20
C ASP B 57 9.08 -24.14 -28.93
N LYS B 58 8.56 -23.60 -30.03
CA LYS B 58 7.45 -24.21 -30.81
C LYS B 58 7.90 -25.53 -31.44
N THR B 59 9.18 -25.69 -31.76
CA THR B 59 9.69 -26.94 -32.38
C THR B 59 9.74 -28.03 -31.31
N ALA B 60 10.41 -27.78 -30.18
CA ALA B 60 10.58 -28.75 -29.08
C ALA B 60 9.30 -28.85 -28.22
N LYS B 61 8.35 -27.92 -28.36
CA LYS B 61 7.14 -27.82 -27.51
C LYS B 61 7.58 -27.78 -26.04
N LEU B 62 8.49 -26.86 -25.74
CA LEU B 62 9.15 -26.72 -24.42
C LEU B 62 9.07 -25.26 -23.97
N TRP B 63 8.60 -25.06 -22.74
CA TRP B 63 8.64 -23.78 -21.99
C TRP B 63 10.03 -23.65 -21.36
N HIS B 64 10.67 -22.50 -21.53
CA HIS B 64 11.99 -22.20 -20.94
C HIS B 64 11.85 -21.15 -19.83
N LEU B 65 12.40 -21.47 -18.67
CA LEU B 65 12.53 -20.54 -17.52
C LEU B 65 14.01 -20.32 -17.25
N TYR B 66 14.49 -19.09 -17.36
CA TYR B 66 15.83 -18.73 -16.86
C TYR B 66 15.62 -17.88 -15.61
N PHE B 67 16.66 -17.67 -14.81
CA PHE B 67 16.48 -16.96 -13.52
C PHE B 67 17.82 -16.48 -12.98
N GLN B 68 17.76 -15.33 -12.32
CA GLN B 68 18.88 -14.77 -11.52
C GLN B 68 19.28 -15.84 -10.52
N TYR B 69 20.54 -16.29 -10.59
CA TYR B 69 20.97 -17.50 -9.85
C TYR B 69 22.34 -17.33 -9.22
N ASN B 70 22.42 -17.53 -7.90
CA ASN B 70 23.69 -17.67 -7.16
C ASN B 70 23.77 -19.09 -6.60
N PRO B 71 24.55 -20.00 -7.23
CA PRO B 71 24.64 -21.38 -6.76
C PRO B 71 25.50 -21.54 -5.50
N ASN B 72 26.23 -20.49 -5.09
CA ASN B 72 27.26 -20.62 -4.01
C ASN B 72 26.68 -20.24 -2.65
N ALA B 73 25.45 -19.73 -2.59
CA ALA B 73 24.81 -19.36 -1.30
C ALA B 73 23.30 -19.25 -1.45
N THR B 74 22.58 -19.28 -0.32
CA THR B 74 21.12 -19.03 -0.25
C THR B 74 20.87 -17.54 0.02
N ALA B 75 21.66 -16.69 -0.62
CA ALA B 75 21.47 -15.22 -0.66
C ALA B 75 22.01 -14.72 -2.00
N TRP B 76 21.61 -13.52 -2.38
CA TRP B 76 22.11 -12.83 -3.59
C TRP B 76 23.63 -12.67 -3.47
N GLY B 77 24.36 -12.89 -4.56
CA GLY B 77 25.82 -12.68 -4.61
C GLY B 77 26.34 -12.75 -6.03
N GLN B 78 27.51 -12.18 -6.26
CA GLN B 78 28.25 -12.31 -7.54
C GLN B 78 29.41 -13.27 -7.26
N PRO B 79 29.81 -14.12 -8.23
CA PRO B 79 29.27 -14.09 -9.59
C PRO B 79 27.81 -14.56 -9.67
N LEU B 80 27.00 -13.85 -10.46
CA LEU B 80 25.56 -14.13 -10.66
C LEU B 80 25.31 -14.59 -12.09
N TYR B 81 24.54 -15.68 -12.23
CA TYR B 81 24.32 -16.42 -13.49
C TYR B 81 22.83 -16.38 -13.88
N TRP B 82 22.54 -16.72 -15.14
CA TRP B 82 21.22 -17.25 -15.58
C TRP B 82 21.19 -18.77 -15.34
N GLY B 83 20.42 -19.18 -14.34
CA GLY B 83 19.94 -20.57 -14.21
C GLY B 83 18.99 -20.90 -15.35
N HIS B 84 18.67 -22.18 -15.52
CA HIS B 84 17.82 -22.62 -16.65
C HIS B 84 17.02 -23.86 -16.25
N ALA B 85 15.71 -23.84 -16.53
CA ALA B 85 14.85 -25.04 -16.45
C ALA B 85 13.89 -25.05 -17.63
N THR B 86 13.40 -26.25 -17.99
CA THR B 86 12.39 -26.48 -19.04
C THR B 86 11.22 -27.29 -18.46
N SER B 87 10.08 -27.14 -19.12
CA SER B 87 8.79 -27.78 -18.76
C SER B 87 7.96 -27.96 -20.03
N ASN B 88 7.25 -29.08 -20.13
CA ASN B 88 6.27 -29.28 -21.23
C ASN B 88 4.89 -28.73 -20.83
N ASP B 89 4.64 -28.41 -19.55
CA ASP B 89 3.26 -28.10 -19.07
C ASP B 89 3.19 -26.95 -18.06
N LEU B 90 4.30 -26.26 -17.77
CA LEU B 90 4.40 -25.11 -16.82
C LEU B 90 4.16 -25.53 -15.36
N VAL B 91 4.15 -26.82 -15.02
CA VAL B 91 4.06 -27.26 -13.59
C VAL B 91 5.23 -28.22 -13.24
N HIS B 92 5.66 -29.12 -14.13
CA HIS B 92 6.81 -30.03 -13.85
C HIS B 92 8.05 -29.48 -14.55
N TRP B 93 9.07 -29.11 -13.79
CA TRP B 93 10.30 -28.44 -14.30
C TRP B 93 11.50 -29.38 -14.23
N ASP B 94 12.37 -29.33 -15.24
CA ASP B 94 13.66 -30.04 -15.27
C ASP B 94 14.76 -28.97 -15.25
N GLU B 95 15.57 -28.96 -14.18
CA GLU B 95 16.67 -27.97 -14.01
C GLU B 95 17.86 -28.42 -14.85
N HIS B 96 18.47 -27.50 -15.60
CA HIS B 96 19.62 -27.75 -16.50
C HIS B 96 20.88 -27.10 -15.92
N GLU B 97 22.00 -27.26 -16.64
CA GLU B 97 23.25 -26.52 -16.34
C GLU B 97 22.98 -25.02 -16.55
N ILE B 98 23.73 -24.18 -15.83
CA ILE B 98 23.75 -22.70 -15.99
C ILE B 98 23.83 -22.35 -17.48
N ALA B 99 23.02 -21.41 -17.96
CA ALA B 99 22.96 -21.03 -19.38
C ALA B 99 23.92 -19.88 -19.70
N ILE B 100 24.04 -18.87 -18.82
CA ILE B 100 24.93 -17.71 -19.07
C ILE B 100 25.62 -17.33 -17.76
N GLY B 101 26.91 -17.00 -17.83
CA GLY B 101 27.69 -16.63 -16.64
C GLY B 101 28.49 -15.36 -16.92
N PRO B 102 28.95 -14.64 -15.87
CA PRO B 102 29.75 -13.44 -16.05
C PRO B 102 31.20 -13.76 -16.44
N GLU B 103 31.87 -12.73 -16.95
CA GLU B 103 33.30 -12.78 -17.35
C GLU B 103 34.18 -12.90 -16.10
N HIS B 104 33.86 -12.19 -15.02
CA HIS B 104 34.66 -12.17 -13.77
C HIS B 104 33.77 -12.38 -12.54
N ASP B 105 34.39 -12.72 -11.41
CA ASP B 105 33.72 -13.05 -10.13
C ASP B 105 33.00 -11.83 -9.53
N ASN B 106 33.42 -10.60 -9.86
CA ASN B 106 32.76 -9.37 -9.33
C ASN B 106 31.81 -8.79 -10.39
N GLU B 107 31.20 -9.65 -11.20
CA GLU B 107 30.26 -9.27 -12.28
C GLU B 107 29.05 -10.19 -12.23
N GLY B 108 28.01 -9.82 -12.97
CA GLY B 108 26.72 -10.50 -12.95
C GLY B 108 26.02 -10.39 -14.28
N ILE B 109 25.36 -11.48 -14.67
CA ILE B 109 24.37 -11.46 -15.76
C ILE B 109 23.03 -11.18 -15.09
N PHE B 110 22.62 -9.91 -15.12
CA PHE B 110 21.40 -9.39 -14.49
C PHE B 110 20.22 -9.73 -15.40
N SER B 111 19.03 -9.28 -15.04
CA SER B 111 17.77 -9.66 -15.72
C SER B 111 17.79 -9.31 -17.22
N GLY B 112 16.95 -10.04 -17.95
CA GLY B 112 16.71 -9.78 -19.36
C GLY B 112 15.72 -10.78 -19.90
N SER B 113 15.69 -10.89 -21.21
CA SER B 113 14.60 -11.55 -21.96
C SER B 113 15.21 -12.26 -23.18
N ILE B 114 14.39 -13.10 -23.80
CA ILE B 114 14.75 -13.85 -25.01
C ILE B 114 13.71 -13.56 -26.08
N VAL B 115 14.18 -13.44 -27.31
CA VAL B 115 13.34 -13.39 -28.52
C VAL B 115 13.82 -14.49 -29.47
N VAL B 116 12.93 -14.87 -30.37
CA VAL B 116 13.23 -15.80 -31.48
C VAL B 116 13.34 -14.97 -32.75
N ASP B 117 14.55 -14.91 -33.31
CA ASP B 117 14.87 -14.13 -34.53
C ASP B 117 14.62 -15.01 -35.77
N HIS B 118 13.34 -15.30 -36.06
CA HIS B 118 12.91 -16.23 -37.14
C HIS B 118 13.58 -15.88 -38.47
N ASN B 119 13.66 -14.59 -38.82
CA ASN B 119 14.15 -14.11 -40.14
C ASN B 119 15.64 -13.74 -40.08
N ASN B 120 16.34 -14.07 -38.99
CA ASN B 120 17.80 -13.90 -38.87
C ASN B 120 18.18 -12.43 -39.13
N THR B 121 17.44 -11.48 -38.58
CA THR B 121 17.78 -10.03 -38.62
C THR B 121 19.13 -9.77 -37.95
N SER B 122 19.48 -10.59 -36.95
CA SER B 122 20.75 -10.46 -36.19
C SER B 122 21.97 -10.95 -37.00
N GLY B 123 21.74 -11.85 -37.96
CA GLY B 123 22.79 -12.47 -38.81
C GLY B 123 23.60 -13.53 -38.06
N PHE B 124 23.09 -14.05 -36.95
CA PHE B 124 23.79 -15.08 -36.14
C PHE B 124 23.42 -16.50 -36.59
N PHE B 125 22.38 -16.67 -37.40
CA PHE B 125 21.77 -18.01 -37.62
C PHE B 125 21.79 -18.37 -39.11
N ASN B 126 22.23 -19.60 -39.41
CA ASN B 126 22.24 -20.13 -40.80
C ASN B 126 21.05 -21.06 -41.01
N SER B 127 20.95 -21.69 -42.18
CA SER B 127 19.80 -22.54 -42.58
C SER B 127 19.71 -23.82 -41.74
N SER B 128 20.78 -24.20 -41.04
CA SER B 128 20.82 -25.42 -40.18
C SER B 128 20.16 -25.14 -38.82
N ILE B 129 19.87 -23.89 -38.50
CA ILE B 129 19.14 -23.51 -37.25
C ILE B 129 17.67 -23.27 -37.59
N ASP B 130 16.79 -24.12 -37.05
CA ASP B 130 15.32 -24.00 -37.24
C ASP B 130 14.90 -22.58 -36.84
N PRO B 131 14.07 -21.90 -37.66
CA PRO B 131 13.61 -20.54 -37.36
C PRO B 131 13.03 -20.34 -35.95
N ASN B 132 12.28 -21.33 -35.44
CA ASN B 132 11.64 -21.28 -34.10
C ASN B 132 12.67 -21.42 -32.97
N GLN B 133 13.94 -21.66 -33.31
CA GLN B 133 15.05 -21.92 -32.34
C GLN B 133 16.18 -20.92 -32.57
N ARG B 134 15.91 -19.82 -33.26
CA ARG B 134 16.92 -18.74 -33.46
C ARG B 134 16.84 -17.82 -32.23
N ILE B 135 17.43 -18.28 -31.14
CA ILE B 135 17.22 -17.77 -29.76
C ILE B 135 18.28 -16.69 -29.46
N VAL B 136 17.84 -15.47 -29.17
CA VAL B 136 18.73 -14.37 -28.72
C VAL B 136 18.32 -13.95 -27.31
N ALA B 137 19.28 -13.97 -26.38
CA ALA B 137 19.16 -13.39 -25.02
C ALA B 137 19.64 -11.92 -25.06
N ILE B 138 18.83 -11.02 -24.51
CA ILE B 138 19.23 -9.60 -24.29
C ILE B 138 19.18 -9.38 -22.77
N TYR B 139 20.30 -9.02 -22.15
CA TYR B 139 20.44 -8.98 -20.68
C TYR B 139 21.28 -7.76 -20.29
N THR B 140 21.23 -7.44 -19.00
CA THR B 140 22.09 -6.39 -18.39
C THR B 140 23.38 -7.06 -17.92
N ASN B 141 24.51 -6.56 -18.41
CA ASN B 141 25.85 -6.97 -17.90
C ASN B 141 26.19 -6.00 -16.76
N ASN B 142 26.29 -6.54 -15.55
CA ASN B 142 26.63 -5.76 -14.33
C ASN B 142 28.13 -5.92 -14.04
N ILE B 143 28.88 -4.83 -14.14
CA ILE B 143 30.30 -4.77 -13.68
C ILE B 143 30.42 -3.58 -12.74
N PRO B 144 31.50 -3.49 -11.94
CA PRO B 144 31.62 -2.38 -11.00
C PRO B 144 31.43 -1.04 -11.72
N ASP B 145 30.52 -0.22 -11.21
CA ASP B 145 30.25 1.16 -11.68
C ASP B 145 29.65 1.20 -13.10
N ASN B 146 29.17 0.08 -13.67
CA ASN B 146 28.62 0.11 -15.06
C ASN B 146 27.57 -1.00 -15.27
N GLN B 147 26.41 -0.61 -15.80
CA GLN B 147 25.37 -1.55 -16.29
C GLN B 147 25.12 -1.22 -17.76
N THR B 148 25.22 -2.23 -18.62
CA THR B 148 25.04 -2.11 -20.11
C THR B 148 24.05 -3.19 -20.55
N GLN B 149 23.47 -3.05 -21.75
CA GLN B 149 22.56 -4.05 -22.38
C GLN B 149 23.37 -4.81 -23.44
N ASP B 150 23.55 -6.12 -23.21
CA ASP B 150 24.39 -7.02 -24.05
C ASP B 150 23.51 -8.10 -24.65
N ILE B 151 23.99 -8.79 -25.69
CA ILE B 151 23.22 -9.90 -26.31
C ILE B 151 24.11 -11.13 -26.44
N ALA B 152 23.46 -12.29 -26.55
CA ALA B 152 24.12 -13.60 -26.77
C ALA B 152 23.15 -14.51 -27.53
N PHE B 153 23.66 -15.47 -28.28
CA PHE B 153 22.80 -16.34 -29.12
C PHE B 153 23.06 -17.81 -28.77
N SER B 154 22.02 -18.62 -28.93
CA SER B 154 22.08 -20.08 -28.68
C SER B 154 21.86 -20.81 -29.99
N LEU B 155 22.77 -21.73 -30.32
CA LEU B 155 22.65 -22.59 -31.52
C LEU B 155 22.13 -23.98 -31.13
N ASP B 156 21.80 -24.23 -29.86
CA ASP B 156 21.42 -25.59 -29.40
C ASP B 156 20.06 -25.60 -28.66
N GLY B 157 19.14 -24.71 -29.00
CA GLY B 157 17.78 -24.71 -28.40
C GLY B 157 17.72 -24.00 -27.06
N GLY B 158 18.73 -23.21 -26.70
CA GLY B 158 18.71 -22.35 -25.49
C GLY B 158 19.41 -22.94 -24.29
N TYR B 159 20.31 -23.91 -24.48
CA TYR B 159 21.04 -24.60 -23.38
C TYR B 159 22.42 -23.95 -23.20
N THR B 160 23.08 -23.54 -24.28
CA THR B 160 24.38 -22.81 -24.23
C THR B 160 24.29 -21.56 -25.09
N PHE B 161 25.05 -20.52 -24.74
CA PHE B 161 25.01 -19.20 -25.40
C PHE B 161 26.42 -18.74 -25.77
N THR B 162 26.54 -17.97 -26.86
CA THR B 162 27.77 -17.23 -27.24
C THR B 162 27.48 -15.74 -27.13
N LYS B 163 28.27 -15.00 -26.36
CA LYS B 163 28.12 -13.53 -26.26
C LYS B 163 28.53 -12.90 -27.60
N TYR B 164 27.77 -11.90 -28.05
CA TYR B 164 28.11 -11.05 -29.23
C TYR B 164 29.47 -10.38 -29.01
N GLU B 165 30.33 -10.46 -30.03
CA GLU B 165 31.72 -9.93 -30.07
C GLU B 165 31.78 -8.44 -29.74
N ASN B 166 30.81 -7.66 -30.23
CA ASN B 166 30.83 -6.18 -30.08
C ASN B 166 29.90 -5.74 -28.93
N ASN B 167 29.61 -6.58 -27.93
CA ASN B 167 28.89 -6.11 -26.71
C ASN B 167 29.71 -4.98 -26.11
N PRO B 168 29.12 -3.96 -25.45
CA PRO B 168 27.66 -3.88 -25.27
C PRO B 168 26.91 -3.31 -26.48
N VAL B 169 25.62 -3.60 -26.59
CA VAL B 169 24.79 -3.04 -27.68
C VAL B 169 24.21 -1.69 -27.25
N ILE B 170 24.08 -1.43 -25.93
CA ILE B 170 23.69 -0.09 -25.41
C ILE B 170 24.50 0.20 -24.16
N ASP B 171 25.23 1.32 -24.18
CA ASP B 171 26.00 1.85 -23.03
C ASP B 171 25.72 3.35 -22.96
N VAL B 172 25.17 3.83 -21.84
CA VAL B 172 24.89 5.27 -21.63
C VAL B 172 25.74 5.79 -20.47
N SER B 173 26.81 5.07 -20.09
CA SER B 173 27.71 5.47 -18.98
C SER B 173 26.91 5.63 -17.68
N SER B 174 26.14 4.61 -17.32
CA SER B 174 25.31 4.61 -16.08
C SER B 174 25.50 3.29 -15.34
N ASN B 175 25.34 3.34 -14.01
CA ASN B 175 25.37 2.15 -13.13
C ASN B 175 23.95 1.83 -12.64
N GLN B 176 22.94 2.47 -13.23
CA GLN B 176 21.50 2.29 -12.90
C GLN B 176 20.74 2.25 -14.23
N PHE B 177 20.86 1.13 -14.93
CA PHE B 177 20.40 0.97 -16.32
C PHE B 177 20.26 -0.52 -16.63
N ARG B 178 19.07 -1.09 -16.44
CA ARG B 178 18.91 -2.57 -16.49
C ARG B 178 17.50 -3.05 -16.81
N ASP B 179 17.42 -4.36 -17.06
CA ASP B 179 16.21 -5.21 -17.19
C ASP B 179 15.55 -4.98 -18.57
N PRO B 180 16.22 -5.34 -19.69
CA PRO B 180 15.62 -5.16 -21.01
C PRO B 180 14.60 -6.26 -21.33
N LYS B 181 13.38 -5.86 -21.67
CA LYS B 181 12.35 -6.77 -22.21
C LYS B 181 12.18 -6.42 -23.68
N VAL B 182 12.51 -7.37 -24.56
CA VAL B 182 12.54 -7.15 -26.02
C VAL B 182 11.40 -7.93 -26.68
N PHE B 183 10.80 -7.35 -27.71
CA PHE B 183 9.75 -8.02 -28.51
C PHE B 183 9.78 -7.50 -29.93
N TRP B 184 9.29 -8.34 -30.84
CA TRP B 184 9.08 -7.96 -32.26
C TRP B 184 7.75 -7.20 -32.34
N HIS B 185 7.77 -5.98 -32.88
CA HIS B 185 6.55 -5.16 -33.10
C HIS B 185 6.22 -5.19 -34.60
N GLU B 186 5.20 -5.95 -35.00
CA GLU B 186 4.85 -6.16 -36.43
C GLU B 186 4.48 -4.82 -37.06
N ASP B 187 3.55 -4.10 -36.45
CA ASP B 187 2.99 -2.82 -36.97
C ASP B 187 4.14 -1.90 -37.45
N SER B 188 5.21 -1.70 -36.66
CA SER B 188 6.31 -0.76 -37.01
C SER B 188 7.53 -1.50 -37.57
N ASN B 189 7.39 -2.82 -37.73
CA ASN B 189 8.39 -3.72 -38.38
C ASN B 189 9.78 -3.51 -37.76
N GLN B 190 9.91 -3.66 -36.45
CA GLN B 190 11.23 -3.55 -35.74
C GLN B 190 11.19 -4.26 -34.39
N TRP B 191 12.38 -4.50 -33.84
CA TRP B 191 12.57 -4.91 -32.42
C TRP B 191 12.31 -3.69 -31.53
N ILE B 192 11.63 -3.93 -30.41
CA ILE B 192 11.39 -2.93 -29.33
C ILE B 192 12.05 -3.46 -28.06
N MET B 193 12.78 -2.59 -27.38
CA MET B 193 13.29 -2.82 -26.01
C MET B 193 12.60 -1.84 -25.04
N VAL B 194 12.07 -2.34 -23.93
CA VAL B 194 11.69 -1.50 -22.78
C VAL B 194 12.73 -1.82 -21.71
N VAL B 195 13.42 -0.81 -21.21
CA VAL B 195 14.50 -1.01 -20.21
C VAL B 195 14.39 0.11 -19.19
N SER B 196 14.84 -0.12 -17.96
CA SER B 196 14.67 0.91 -16.91
C SER B 196 15.95 1.73 -16.71
N LYS B 197 15.83 3.05 -16.78
CA LYS B 197 16.79 4.02 -16.22
C LYS B 197 16.38 4.16 -14.76
N SER B 198 16.86 3.24 -13.92
CA SER B 198 16.18 2.82 -12.67
C SER B 198 15.98 4.03 -11.74
N GLN B 199 17.04 4.81 -11.47
CA GLN B 199 16.98 5.90 -10.45
C GLN B 199 16.59 7.22 -11.10
N GLU B 200 16.39 7.27 -12.41
CA GLU B 200 15.79 8.45 -13.07
C GLU B 200 14.26 8.28 -13.14
N TYR B 201 13.74 7.13 -12.71
CA TYR B 201 12.29 6.81 -12.77
C TYR B 201 11.81 6.95 -14.21
N LYS B 202 12.52 6.30 -15.13
CA LYS B 202 12.16 6.34 -16.58
C LYS B 202 12.21 4.94 -17.16
N ILE B 203 11.14 4.53 -17.83
CA ILE B 203 11.15 3.33 -18.72
C ILE B 203 11.57 3.86 -20.10
N GLN B 204 12.69 3.37 -20.63
CA GLN B 204 13.20 3.82 -21.94
C GLN B 204 12.76 2.82 -23.02
N ILE B 205 12.21 3.36 -24.11
CA ILE B 205 11.75 2.55 -25.26
C ILE B 205 12.74 2.77 -26.40
N PHE B 206 13.50 1.72 -26.72
CA PHE B 206 14.46 1.73 -27.85
C PHE B 206 13.91 0.87 -29.00
N GLY B 207 14.37 1.16 -30.21
CA GLY B 207 13.97 0.47 -31.45
C GLY B 207 15.21 -0.03 -32.18
N SER B 208 15.11 -1.16 -32.87
CA SER B 208 16.26 -1.78 -33.58
C SER B 208 15.77 -2.68 -34.69
N ALA B 209 16.51 -2.72 -35.80
CA ALA B 209 16.18 -3.61 -36.93
C ALA B 209 16.97 -4.92 -36.81
N ASN B 210 18.01 -5.00 -35.97
CA ASN B 210 18.95 -6.15 -35.98
C ASN B 210 19.36 -6.63 -34.58
N LEU B 211 18.83 -6.04 -33.50
CA LEU B 211 19.09 -6.34 -32.06
C LEU B 211 20.49 -5.87 -31.62
N LYS B 212 21.24 -5.18 -32.47
CA LYS B 212 22.63 -4.75 -32.14
C LYS B 212 22.71 -3.23 -32.10
N ASN B 213 22.05 -2.54 -33.03
CA ASN B 213 22.09 -1.07 -33.18
C ASN B 213 20.73 -0.51 -32.76
N TRP B 214 20.72 0.23 -31.66
CA TRP B 214 19.48 0.69 -31.00
C TRP B 214 19.41 2.21 -31.02
N VAL B 215 18.19 2.74 -31.13
CA VAL B 215 17.85 4.18 -31.11
C VAL B 215 16.81 4.40 -30.01
N LEU B 216 17.05 5.36 -29.11
CA LEU B 216 16.08 5.71 -28.04
C LEU B 216 14.93 6.48 -28.67
N ASN B 217 13.70 5.97 -28.56
CA ASN B 217 12.49 6.58 -29.19
C ASN B 217 11.69 7.41 -28.17
N SER B 218 11.52 6.95 -26.92
CA SER B 218 10.74 7.72 -25.91
C SER B 218 11.06 7.27 -24.48
N ASN B 219 10.69 8.11 -23.52
CA ASN B 219 10.81 7.84 -22.07
C ASN B 219 9.42 7.88 -21.45
N PHE B 220 9.11 6.95 -20.56
CA PHE B 220 7.79 6.91 -19.86
C PHE B 220 8.03 6.98 -18.35
N SER B 221 7.31 7.89 -17.67
CA SER B 221 7.40 8.11 -16.21
C SER B 221 5.99 8.29 -15.63
N SER B 222 5.56 7.39 -14.74
CA SER B 222 4.21 7.43 -14.14
C SER B 222 4.09 6.50 -12.92
N GLY B 223 2.89 6.47 -12.35
CA GLY B 223 2.48 5.55 -11.28
C GLY B 223 3.18 5.82 -9.97
N TYR B 224 3.41 4.76 -9.19
CA TYR B 224 4.09 4.83 -7.88
C TYR B 224 5.59 4.66 -8.08
N TYR B 225 6.36 5.73 -7.86
CA TYR B 225 7.81 5.78 -8.17
C TYR B 225 8.59 4.86 -7.22
N GLY B 226 8.25 4.91 -5.92
CA GLY B 226 9.06 4.27 -4.88
C GLY B 226 10.52 4.70 -4.97
N ASN B 227 11.45 3.76 -4.77
CA ASN B 227 12.90 4.08 -4.75
C ASN B 227 13.49 4.02 -6.16
N GLN B 228 13.08 3.05 -6.97
CA GLN B 228 13.64 2.84 -8.33
C GLN B 228 12.68 2.05 -9.22
N TYR B 229 12.82 2.25 -10.52
CA TYR B 229 12.15 1.48 -11.60
C TYR B 229 12.99 0.24 -11.93
N GLU B 230 12.33 -0.91 -12.12
CA GLU B 230 13.00 -2.18 -12.47
C GLU B 230 12.09 -3.03 -13.37
N CYS B 231 12.68 -4.03 -14.04
CA CYS B 231 12.02 -5.08 -14.85
C CYS B 231 10.75 -4.56 -15.53
N PRO B 232 10.83 -3.62 -16.49
CA PRO B 232 9.64 -3.19 -17.22
C PRO B 232 9.24 -4.25 -18.26
N GLY B 233 7.98 -4.19 -18.69
CA GLY B 233 7.44 -5.03 -19.77
C GLY B 233 6.36 -4.27 -20.53
N LEU B 234 6.15 -4.61 -21.78
CA LEU B 234 5.19 -3.91 -22.66
C LEU B 234 4.63 -4.96 -23.62
N ILE B 235 3.34 -5.19 -23.57
CA ILE B 235 2.74 -6.31 -24.32
C ILE B 235 1.27 -6.03 -24.63
N GLU B 236 0.80 -6.61 -25.72
CA GLU B 236 -0.59 -6.48 -26.18
C GLU B 236 -1.41 -7.55 -25.47
N VAL B 237 -2.43 -7.11 -24.74
CA VAL B 237 -3.29 -8.02 -23.92
C VAL B 237 -4.69 -7.99 -24.54
N PRO B 238 -5.30 -9.16 -24.78
CA PRO B 238 -6.64 -9.21 -25.36
C PRO B 238 -7.72 -8.77 -24.36
N ILE B 239 -8.75 -8.09 -24.84
CA ILE B 239 -9.97 -7.77 -24.04
C ILE B 239 -10.92 -8.98 -24.13
N GLU B 240 -11.38 -9.47 -22.99
CA GLU B 240 -12.26 -10.67 -22.93
C GLU B 240 -13.51 -10.45 -23.78
N ASN B 241 -13.96 -11.51 -24.44
CA ASN B 241 -15.24 -11.55 -25.21
C ASN B 241 -15.23 -10.46 -26.28
N SER B 242 -14.09 -10.26 -26.96
CA SER B 242 -13.97 -9.24 -28.02
C SER B 242 -12.73 -9.52 -28.89
N ASP B 243 -12.64 -8.81 -30.02
CA ASP B 243 -11.48 -8.90 -30.95
C ASP B 243 -10.51 -7.76 -30.64
N LYS B 244 -10.85 -6.90 -29.68
CA LYS B 244 -10.02 -5.70 -29.37
C LYS B 244 -8.95 -6.07 -28.35
N SER B 245 -7.94 -5.23 -28.21
CA SER B 245 -6.86 -5.42 -27.23
C SER B 245 -6.33 -4.04 -26.80
N LYS B 246 -5.53 -4.03 -25.74
CA LYS B 246 -4.83 -2.81 -25.27
C LYS B 246 -3.36 -3.16 -25.05
N TRP B 247 -2.50 -2.16 -25.09
CA TRP B 247 -1.07 -2.33 -24.70
C TRP B 247 -0.99 -2.13 -23.19
N VAL B 248 -0.30 -3.04 -22.51
CA VAL B 248 -0.13 -2.96 -21.03
C VAL B 248 1.36 -2.80 -20.74
N MET B 249 1.73 -1.70 -20.08
CA MET B 249 3.12 -1.47 -19.62
C MET B 249 3.21 -1.99 -18.18
N PHE B 250 4.10 -2.93 -17.94
CA PHE B 250 4.41 -3.49 -16.60
C PHE B 250 5.65 -2.79 -16.05
N LEU B 251 5.73 -2.68 -14.73
CA LEU B 251 6.82 -1.96 -14.04
C LEU B 251 6.93 -2.50 -12.61
N ALA B 252 8.16 -2.87 -12.24
CA ALA B 252 8.51 -3.31 -10.88
C ALA B 252 9.16 -2.13 -10.15
N ILE B 253 8.85 -1.95 -8.88
CA ILE B 253 9.53 -0.93 -8.03
C ILE B 253 10.01 -1.60 -6.75
N ASN B 254 11.21 -1.25 -6.33
CA ASN B 254 11.81 -1.80 -5.10
C ASN B 254 13.00 -0.94 -4.69
N PRO B 255 13.17 -0.62 -3.39
CA PRO B 255 12.12 -0.71 -2.38
C PRO B 255 11.10 0.43 -2.52
N GLY B 256 10.25 0.63 -1.51
CA GLY B 256 9.28 1.75 -1.46
C GLY B 256 7.88 1.37 -1.93
N SER B 257 7.57 0.08 -2.10
CA SER B 257 6.17 -0.37 -2.30
C SER B 257 5.32 0.18 -1.15
N PRO B 258 4.07 0.59 -1.41
CA PRO B 258 3.18 1.06 -0.35
C PRO B 258 2.90 -0.09 0.62
N LEU B 259 3.06 -1.35 0.19
CA LEU B 259 2.90 -2.54 1.07
C LEU B 259 4.23 -2.88 1.73
N GLY B 260 5.29 -2.11 1.46
CA GLY B 260 6.63 -2.37 1.97
C GLY B 260 7.40 -3.30 1.05
N GLY B 261 8.57 -2.83 0.61
CA GLY B 261 9.54 -3.62 -0.17
C GLY B 261 9.26 -3.49 -1.65
N SER B 262 9.00 -4.63 -2.27
CA SER B 262 8.95 -4.83 -3.74
C SER B 262 7.52 -5.11 -4.19
N ILE B 263 7.14 -4.57 -5.34
CA ILE B 263 5.77 -4.78 -5.90
C ILE B 263 5.79 -4.47 -7.41
N ASN B 264 4.82 -5.03 -8.11
CA ASN B 264 4.62 -4.82 -9.57
C ASN B 264 3.37 -3.99 -9.81
N GLN B 265 3.43 -3.04 -10.75
CA GLN B 265 2.29 -2.17 -11.13
C GLN B 265 2.12 -2.23 -12.66
N TYR B 266 1.02 -1.69 -13.16
CA TYR B 266 0.75 -1.69 -14.63
C TYR B 266 0.00 -0.44 -15.06
N PHE B 267 0.03 -0.18 -16.36
CA PHE B 267 -0.62 0.96 -17.05
C PHE B 267 -1.25 0.43 -18.32
N VAL B 268 -2.50 0.81 -18.60
CA VAL B 268 -3.23 0.36 -19.82
C VAL B 268 -3.30 1.53 -20.80
N GLY B 269 -2.96 1.28 -22.07
CA GLY B 269 -3.11 2.29 -23.14
C GLY B 269 -2.77 1.76 -24.52
N ASP B 270 -2.02 2.54 -25.30
CA ASP B 270 -1.75 2.25 -26.73
C ASP B 270 -0.26 2.47 -26.99
N PHE B 271 0.25 1.85 -28.05
CA PHE B 271 1.66 1.87 -28.44
C PHE B 271 1.70 1.84 -29.97
N ASP B 272 2.56 2.67 -30.56
CA ASP B 272 2.68 2.81 -32.04
C ASP B 272 4.08 2.36 -32.48
N GLY B 273 4.90 1.86 -31.56
CA GLY B 273 6.30 1.47 -31.86
C GLY B 273 7.30 2.48 -31.36
N PHE B 274 6.85 3.67 -30.95
CA PHE B 274 7.73 4.79 -30.55
C PHE B 274 7.36 5.31 -29.16
N GLN B 275 6.06 5.54 -28.89
CA GLN B 275 5.60 6.04 -27.57
C GLN B 275 4.45 5.17 -27.06
N PHE B 276 4.50 4.91 -25.77
CA PHE B 276 3.37 4.34 -25.00
C PHE B 276 2.57 5.50 -24.43
N VAL B 277 1.26 5.50 -24.71
CA VAL B 277 0.30 6.54 -24.26
C VAL B 277 -0.76 5.83 -23.42
N PRO B 278 -0.76 6.03 -22.08
CA PRO B 278 -1.78 5.44 -21.22
C PRO B 278 -3.15 6.07 -21.51
N ASP B 279 -4.22 5.32 -21.25
CA ASP B 279 -5.63 5.76 -21.38
C ASP B 279 -6.00 6.71 -20.23
N ASP B 280 -5.29 6.65 -19.11
CA ASP B 280 -5.54 7.51 -17.92
C ASP B 280 -4.22 7.62 -17.17
N SER B 281 -4.22 8.31 -16.03
CA SER B 281 -3.02 8.53 -15.20
C SER B 281 -3.16 7.77 -13.87
N GLN B 282 -3.92 6.68 -13.82
CA GLN B 282 -4.19 5.96 -12.54
C GLN B 282 -3.05 4.97 -12.28
N THR B 283 -2.76 4.75 -10.99
CA THR B 283 -1.82 3.73 -10.47
C THR B 283 -2.59 2.46 -10.09
N ARG B 284 -2.14 1.29 -10.57
CA ARG B 284 -2.72 -0.03 -10.19
C ARG B 284 -1.61 -1.10 -10.05
N PHE B 285 -1.77 -1.99 -9.08
CA PHE B 285 -0.79 -3.07 -8.79
C PHE B 285 -1.26 -4.37 -9.47
N VAL B 286 -0.30 -5.17 -9.90
CA VAL B 286 -0.55 -6.46 -10.61
C VAL B 286 -1.07 -7.48 -9.59
N ASP B 287 -0.48 -7.50 -8.40
CA ASP B 287 -0.75 -8.48 -7.31
C ASP B 287 -0.57 -7.74 -5.98
N ILE B 288 -1.53 -7.80 -5.07
CA ILE B 288 -1.47 -7.00 -3.82
C ILE B 288 -1.17 -7.92 -2.64
N GLY B 289 -0.54 -9.04 -2.92
CA GLY B 289 0.25 -9.77 -1.91
C GLY B 289 1.61 -9.10 -1.71
N LYS B 290 2.37 -9.58 -0.75
CA LYS B 290 3.74 -9.10 -0.48
C LYS B 290 4.74 -9.75 -1.45
N ASP B 291 4.43 -10.91 -2.03
CA ASP B 291 5.46 -11.83 -2.61
C ASP B 291 5.18 -12.09 -4.10
N PHE B 292 5.19 -11.06 -4.93
CA PHE B 292 5.01 -11.17 -6.41
C PHE B 292 5.77 -10.01 -7.05
N TYR B 293 6.96 -10.28 -7.59
CA TYR B 293 7.90 -9.23 -8.04
C TYR B 293 8.67 -9.71 -9.27
N ALA B 294 9.13 -8.75 -10.08
CA ALA B 294 9.99 -8.95 -11.26
C ALA B 294 9.21 -9.81 -12.27
N PHE B 295 7.91 -9.53 -12.40
CA PHE B 295 7.01 -10.19 -13.36
C PHE B 295 7.60 -10.08 -14.77
N GLN B 296 7.56 -11.18 -15.52
CA GLN B 296 7.94 -11.19 -16.97
C GLN B 296 6.94 -12.06 -17.72
N THR B 297 6.68 -11.74 -18.99
CA THR B 297 5.82 -12.54 -19.91
C THR B 297 6.69 -13.49 -20.75
N PHE B 298 6.15 -14.64 -21.13
CA PHE B 298 6.78 -15.58 -22.08
C PHE B 298 6.77 -14.97 -23.49
N SER B 299 7.88 -15.07 -24.22
CA SER B 299 7.89 -14.85 -25.68
C SER B 299 7.34 -16.10 -26.35
N GLU B 300 6.73 -15.82 -27.48
CA GLU B 300 6.30 -16.81 -28.49
C GLU B 300 5.09 -17.61 -28.01
N VAL B 301 4.18 -17.02 -27.22
CA VAL B 301 2.88 -17.67 -26.89
C VAL B 301 1.95 -17.41 -28.08
N GLU B 302 1.22 -18.41 -28.59
CA GLU B 302 0.35 -18.11 -29.75
C GLU B 302 -1.02 -17.60 -29.31
N HIS B 303 -1.59 -18.05 -28.19
CA HIS B 303 -2.93 -17.57 -27.76
C HIS B 303 -2.82 -16.86 -26.42
N GLY B 304 -2.99 -15.54 -26.43
CA GLY B 304 -3.09 -14.73 -25.19
C GLY B 304 -1.73 -14.38 -24.65
N VAL B 305 -1.67 -14.13 -23.34
CA VAL B 305 -0.46 -13.64 -22.62
C VAL B 305 -0.28 -14.48 -21.37
N LEU B 306 0.91 -15.06 -21.20
CA LEU B 306 1.28 -15.85 -20.02
C LEU B 306 2.53 -15.24 -19.41
N GLY B 307 2.59 -15.24 -18.08
CA GLY B 307 3.76 -14.77 -17.35
C GLY B 307 3.86 -15.35 -15.96
N LEU B 308 4.98 -15.09 -15.31
CA LEU B 308 5.14 -15.43 -13.88
C LEU B 308 6.14 -14.47 -13.27
N ALA B 309 6.26 -14.56 -11.96
CA ALA B 309 7.07 -13.64 -11.16
C ALA B 309 7.90 -14.43 -10.16
N TRP B 310 8.80 -13.71 -9.52
CA TRP B 310 9.53 -14.18 -8.32
C TRP B 310 8.62 -14.03 -7.10
N ALA B 311 8.39 -15.13 -6.38
CA ALA B 311 7.38 -15.21 -5.31
C ALA B 311 8.03 -14.93 -3.95
N SER B 312 8.63 -13.76 -3.79
CA SER B 312 9.12 -13.28 -2.48
C SER B 312 9.21 -11.76 -2.52
N ASN B 313 9.77 -11.19 -1.46
CA ASN B 313 9.86 -9.73 -1.24
C ASN B 313 11.30 -9.44 -0.82
N TRP B 314 11.95 -8.45 -1.44
CA TRP B 314 13.38 -8.11 -1.15
C TRP B 314 13.60 -7.85 0.35
N GLN B 315 12.58 -7.45 1.09
CA GLN B 315 12.76 -7.09 2.52
C GLN B 315 13.28 -8.28 3.32
N TYR B 316 12.82 -9.51 3.03
CA TYR B 316 13.09 -10.70 3.87
C TYR B 316 13.45 -11.94 3.04
N ALA B 317 13.47 -11.87 1.70
CA ALA B 317 13.61 -13.05 0.83
C ALA B 317 14.83 -13.90 1.23
N ASP B 318 15.95 -13.27 1.61
CA ASP B 318 17.23 -14.02 1.84
C ASP B 318 17.32 -14.51 3.29
N GLN B 319 16.25 -14.42 4.07
CA GLN B 319 16.25 -14.80 5.51
C GLN B 319 15.22 -15.88 5.84
N VAL B 320 14.35 -16.26 4.90
CA VAL B 320 13.23 -17.19 5.22
C VAL B 320 13.82 -18.58 5.49
N PRO B 321 13.17 -19.39 6.35
CA PRO B 321 13.73 -20.68 6.77
C PRO B 321 13.51 -21.83 5.77
N THR B 322 14.13 -21.70 4.59
CA THR B 322 14.20 -22.80 3.60
C THR B 322 15.69 -23.11 3.38
N ASN B 323 15.99 -24.38 3.08
CA ASN B 323 17.38 -24.85 2.87
C ASN B 323 17.32 -26.21 2.21
N PRO B 324 18.15 -26.55 1.19
CA PRO B 324 19.32 -25.76 0.79
C PRO B 324 19.11 -24.76 -0.35
N TRP B 325 17.88 -24.28 -0.52
CA TRP B 325 17.53 -23.27 -1.56
C TRP B 325 16.75 -22.12 -0.92
N ARG B 326 16.66 -20.98 -1.60
CA ARG B 326 15.64 -19.94 -1.26
C ARG B 326 14.97 -19.47 -2.55
N SER B 327 13.64 -19.34 -2.49
CA SER B 327 12.74 -18.68 -3.48
C SER B 327 12.10 -19.72 -4.38
N SER B 328 10.81 -19.55 -4.65
CA SER B 328 10.11 -20.13 -5.81
C SER B 328 9.65 -19.01 -6.74
N THR B 329 9.26 -19.39 -7.95
CA THR B 329 8.45 -18.55 -8.83
C THR B 329 6.99 -18.68 -8.38
N SER B 330 6.15 -17.77 -8.86
CA SER B 330 4.68 -17.92 -8.81
C SER B 330 4.27 -19.05 -9.77
N LEU B 331 3.00 -19.46 -9.76
CA LEU B 331 2.47 -20.23 -10.92
C LEU B 331 2.53 -19.36 -12.17
N ALA B 332 2.54 -20.01 -13.33
CA ALA B 332 2.31 -19.32 -14.62
C ALA B 332 0.87 -18.80 -14.59
N ARG B 333 0.64 -17.57 -15.01
CA ARG B 333 -0.74 -17.00 -15.04
C ARG B 333 -1.08 -16.53 -16.45
N ASN B 334 -2.38 -16.54 -16.75
CA ASN B 334 -2.97 -16.16 -18.05
C ASN B 334 -3.59 -14.76 -17.90
N TYR B 335 -3.13 -13.78 -18.66
CA TYR B 335 -3.53 -12.35 -18.50
C TYR B 335 -4.50 -11.91 -19.59
N THR B 336 -5.61 -11.32 -19.16
CA THR B 336 -6.63 -10.68 -20.04
C THR B 336 -7.08 -9.34 -19.44
N LEU B 337 -7.90 -8.59 -20.17
CA LEU B 337 -8.52 -7.33 -19.70
C LEU B 337 -10.03 -7.50 -19.69
N ARG B 338 -10.70 -7.03 -18.64
CA ARG B 338 -12.17 -7.15 -18.49
C ARG B 338 -12.72 -5.87 -17.85
N TYR B 339 -13.87 -5.38 -18.34
CA TYR B 339 -14.59 -4.25 -17.69
C TYR B 339 -15.21 -4.80 -16.42
N VAL B 340 -14.81 -4.28 -15.27
CA VAL B 340 -15.35 -4.73 -13.97
C VAL B 340 -15.72 -3.51 -13.12
N HIS B 341 -16.74 -3.65 -12.28
CA HIS B 341 -17.18 -2.62 -11.32
C HIS B 341 -16.10 -2.44 -10.25
N THR B 342 -15.52 -1.25 -10.14
CA THR B 342 -14.60 -0.87 -9.05
C THR B 342 -15.40 -0.16 -7.96
N ASN B 343 -16.61 0.28 -8.31
CA ASN B 343 -17.65 0.76 -7.36
C ASN B 343 -19.02 0.49 -7.98
N ALA B 344 -20.11 0.74 -7.25
CA ALA B 344 -21.50 0.41 -7.69
C ALA B 344 -21.82 1.06 -9.04
N GLU B 345 -21.31 2.28 -9.28
CA GLU B 345 -21.69 3.09 -10.47
C GLU B 345 -20.74 2.85 -11.65
N THR B 346 -19.45 2.60 -11.42
CA THR B 346 -18.40 2.75 -12.48
C THR B 346 -17.65 1.44 -12.73
N LYS B 347 -17.45 1.14 -14.01
CA LYS B 347 -16.66 -0.01 -14.52
C LYS B 347 -15.32 0.52 -15.05
N GLN B 348 -14.25 -0.22 -14.85
CA GLN B 348 -12.88 0.12 -15.33
C GLN B 348 -12.34 -1.08 -16.09
N LEU B 349 -11.66 -0.86 -17.21
CA LEU B 349 -10.95 -1.93 -17.94
C LEU B 349 -9.78 -2.36 -17.05
N THR B 350 -9.83 -3.59 -16.50
CA THR B 350 -8.94 -4.05 -15.41
C THR B 350 -8.15 -5.29 -15.84
N LEU B 351 -6.90 -5.40 -15.40
CA LEU B 351 -6.05 -6.58 -15.66
C LEU B 351 -6.62 -7.78 -14.88
N ILE B 352 -6.91 -8.86 -15.60
CA ILE B 352 -7.41 -10.15 -15.03
C ILE B 352 -6.28 -11.18 -15.14
N GLN B 353 -6.08 -11.98 -14.09
CA GLN B 353 -5.12 -13.11 -14.16
C GLN B 353 -5.73 -14.34 -13.50
N ASN B 354 -5.53 -15.50 -14.13
CA ASN B 354 -5.99 -16.84 -13.65
C ASN B 354 -4.83 -17.81 -13.77
N PRO B 355 -4.68 -18.77 -12.84
CA PRO B 355 -3.51 -19.66 -12.81
C PRO B 355 -3.56 -20.67 -13.96
N VAL B 356 -2.40 -21.05 -14.46
CA VAL B 356 -2.27 -22.13 -15.48
C VAL B 356 -2.09 -23.45 -14.73
N LEU B 357 -3.11 -24.31 -14.76
CA LEU B 357 -3.10 -25.62 -14.05
C LEU B 357 -3.59 -26.70 -15.01
N PRO B 358 -2.67 -27.39 -15.72
CA PRO B 358 -3.07 -28.38 -16.72
C PRO B 358 -3.59 -29.68 -16.07
N ASP B 359 -3.93 -30.67 -16.91
CA ASP B 359 -4.47 -31.98 -16.44
C ASP B 359 -3.35 -32.94 -16.03
N SER B 360 -2.08 -32.53 -16.14
CA SER B 360 -0.93 -33.29 -15.62
C SER B 360 -0.91 -33.22 -14.07
N ILE B 361 -1.71 -32.33 -13.48
CA ILE B 361 -1.89 -32.26 -12.00
C ILE B 361 -2.91 -33.33 -11.60
N ASN B 362 -2.51 -34.24 -10.72
CA ASN B 362 -3.34 -35.37 -10.27
C ASN B 362 -4.20 -34.89 -9.09
N VAL B 363 -5.48 -35.25 -9.08
CA VAL B 363 -6.38 -34.99 -7.90
C VAL B 363 -6.34 -36.23 -7.00
N VAL B 364 -5.70 -36.13 -5.84
CA VAL B 364 -5.58 -37.26 -4.89
C VAL B 364 -6.95 -37.51 -4.27
N ASP B 365 -7.60 -36.46 -3.77
CA ASP B 365 -8.91 -36.58 -3.05
C ASP B 365 -9.66 -35.25 -3.18
N LYS B 366 -10.97 -35.25 -2.94
CA LYS B 366 -11.72 -33.97 -3.02
C LYS B 366 -12.97 -34.01 -2.14
N LEU B 367 -13.41 -32.82 -1.74
CA LEU B 367 -14.65 -32.55 -0.99
C LEU B 367 -15.50 -31.63 -1.85
N LYS B 368 -16.73 -32.01 -2.13
CA LYS B 368 -17.67 -31.21 -2.95
C LYS B 368 -18.93 -30.94 -2.13
N LYS B 369 -19.35 -29.69 -2.02
CA LYS B 369 -20.59 -29.32 -1.30
C LYS B 369 -21.35 -28.28 -2.16
N LYS B 370 -22.65 -28.18 -1.95
CA LYS B 370 -23.55 -27.37 -2.81
C LYS B 370 -24.64 -26.71 -1.97
N ASN B 371 -24.84 -25.40 -2.17
CA ASN B 371 -25.92 -24.59 -1.53
C ASN B 371 -25.88 -24.77 -0.02
N VAL B 372 -24.70 -24.68 0.60
CA VAL B 372 -24.55 -24.89 2.06
C VAL B 372 -24.78 -23.57 2.80
N LYS B 373 -25.77 -23.53 3.68
CA LYS B 373 -26.04 -22.35 4.55
C LYS B 373 -25.09 -22.49 5.75
N LEU B 374 -24.00 -21.71 5.75
CA LEU B 374 -22.90 -21.82 6.74
C LEU B 374 -23.38 -21.30 8.11
N THR B 375 -23.06 -22.03 9.17
CA THR B 375 -23.30 -21.64 10.59
C THR B 375 -22.19 -22.21 11.46
N ASN B 376 -22.19 -21.83 12.74
CA ASN B 376 -21.17 -22.26 13.74
C ASN B 376 -21.29 -23.75 14.06
N LYS B 377 -22.45 -24.37 13.81
CA LYS B 377 -22.65 -25.82 14.05
C LYS B 377 -22.57 -26.58 12.72
N LYS B 378 -22.28 -25.90 11.62
CA LYS B 378 -22.18 -26.54 10.27
C LYS B 378 -20.87 -26.17 9.59
N PRO B 379 -19.69 -26.47 10.17
CA PRO B 379 -18.43 -26.12 9.52
C PRO B 379 -18.15 -27.13 8.40
N ILE B 380 -17.41 -26.70 7.37
CA ILE B 380 -16.91 -27.65 6.32
C ILE B 380 -15.52 -28.11 6.75
N LYS B 381 -15.29 -29.43 6.84
CA LYS B 381 -13.98 -29.95 7.30
C LYS B 381 -13.51 -31.05 6.34
N THR B 382 -12.32 -30.90 5.74
CA THR B 382 -11.73 -31.99 4.90
C THR B 382 -11.29 -33.13 5.82
N ASN B 383 -11.45 -34.37 5.37
CA ASN B 383 -11.00 -35.56 6.13
C ASN B 383 -10.23 -36.47 5.17
N PHE B 384 -9.14 -35.96 4.58
CA PHE B 384 -8.33 -36.72 3.60
C PHE B 384 -7.44 -37.72 4.35
N LYS B 385 -7.14 -38.84 3.71
CA LYS B 385 -6.39 -39.94 4.36
C LYS B 385 -4.98 -39.46 4.69
N GLY B 386 -4.28 -38.85 3.72
CA GLY B 386 -2.93 -38.30 3.93
C GLY B 386 -2.85 -36.85 3.48
N SER B 387 -1.65 -36.35 3.24
CA SER B 387 -1.46 -34.96 2.74
C SER B 387 -0.19 -34.86 1.89
N THR B 388 -0.32 -34.24 0.72
CA THR B 388 0.81 -33.88 -0.18
C THR B 388 1.35 -32.48 0.17
N GLY B 389 0.58 -31.70 0.96
CA GLY B 389 0.88 -30.29 1.24
C GLY B 389 0.46 -29.37 0.12
N LEU B 390 -0.20 -29.90 -0.91
CA LEU B 390 -0.68 -29.15 -2.10
C LEU B 390 -2.19 -29.30 -2.17
N PHE B 391 -2.93 -28.21 -2.00
CA PHE B 391 -4.41 -28.20 -1.99
C PHE B 391 -4.90 -27.01 -2.82
N ASP B 392 -6.14 -27.09 -3.27
CA ASP B 392 -6.83 -25.92 -3.85
C ASP B 392 -8.26 -25.91 -3.33
N PHE B 393 -8.86 -24.72 -3.28
CA PHE B 393 -10.26 -24.52 -2.87
C PHE B 393 -10.88 -23.53 -3.85
N ASN B 394 -12.07 -23.91 -4.35
CA ASN B 394 -12.82 -23.12 -5.35
C ASN B 394 -14.21 -22.87 -4.75
N ILE B 395 -14.54 -21.63 -4.44
CA ILE B 395 -15.79 -21.31 -3.69
C ILE B 395 -16.52 -20.17 -4.37
N THR B 396 -17.82 -20.36 -4.62
CA THR B 396 -18.75 -19.27 -5.01
C THR B 396 -19.72 -19.06 -3.85
N PHE B 397 -19.85 -17.84 -3.33
CA PHE B 397 -20.71 -17.60 -2.16
C PHE B 397 -21.61 -16.39 -2.41
N LYS B 398 -22.64 -16.32 -1.59
CA LYS B 398 -23.68 -15.25 -1.62
C LYS B 398 -23.84 -14.74 -0.20
N VAL B 399 -23.95 -13.43 -0.05
CA VAL B 399 -24.17 -12.82 1.28
C VAL B 399 -25.68 -12.64 1.43
N LEU B 400 -26.26 -13.29 2.46
CA LEU B 400 -27.72 -13.26 2.72
C LEU B 400 -28.06 -11.99 3.52
N ASN B 401 -29.35 -11.64 3.56
CA ASN B 401 -29.87 -10.48 4.32
C ASN B 401 -30.12 -10.91 5.76
N LEU B 402 -29.05 -10.96 6.55
CA LEU B 402 -29.09 -11.30 7.99
C LEU B 402 -28.31 -10.22 8.74
N ASN B 403 -28.90 -9.68 9.81
CA ASN B 403 -28.25 -8.72 10.74
C ASN B 403 -27.58 -9.53 11.85
N VAL B 404 -26.26 -9.48 11.95
CA VAL B 404 -25.50 -10.19 13.01
C VAL B 404 -24.64 -9.14 13.70
N SER B 405 -24.15 -9.41 14.90
CA SER B 405 -23.26 -8.49 15.65
C SER B 405 -21.96 -8.32 14.88
N PRO B 406 -21.27 -7.17 14.99
CA PRO B 406 -20.17 -6.82 14.09
C PRO B 406 -18.97 -7.76 14.12
N GLY B 407 -18.77 -8.52 15.21
CA GLY B 407 -17.65 -9.49 15.32
C GLY B 407 -17.90 -10.76 14.52
N LYS B 408 -19.09 -10.91 13.91
CA LYS B 408 -19.53 -12.18 13.29
C LYS B 408 -19.86 -12.00 11.80
N THR B 409 -19.64 -10.83 11.22
CA THR B 409 -19.96 -10.54 9.80
C THR B 409 -18.87 -11.10 8.87
N HIS B 410 -18.47 -12.37 9.07
CA HIS B 410 -17.35 -12.97 8.28
C HIS B 410 -17.32 -14.49 8.36
N PHE B 411 -16.62 -15.11 7.42
CA PHE B 411 -16.37 -16.57 7.40
C PHE B 411 -14.89 -16.76 7.10
N ASP B 412 -14.32 -17.91 7.49
CA ASP B 412 -12.86 -18.13 7.42
C ASP B 412 -12.54 -19.51 6.88
N ILE B 413 -11.59 -19.55 5.94
CA ILE B 413 -10.92 -20.78 5.45
C ILE B 413 -9.65 -20.97 6.26
N LEU B 414 -9.57 -22.03 7.06
CA LEU B 414 -8.38 -22.36 7.87
C LEU B 414 -7.57 -23.43 7.15
N ILE B 415 -6.28 -23.16 6.96
CA ILE B 415 -5.30 -24.11 6.41
C ILE B 415 -4.42 -24.59 7.56
N ASN B 416 -4.65 -25.82 7.99
CA ASN B 416 -4.08 -26.40 9.23
C ASN B 416 -2.98 -27.39 8.86
N SER B 417 -1.84 -27.31 9.55
CA SER B 417 -0.80 -28.35 9.55
C SER B 417 -1.35 -29.61 10.22
N GLN B 418 -0.57 -30.68 10.20
CA GLN B 418 -0.83 -31.88 11.05
C GLN B 418 -0.50 -31.49 12.49
N GLU B 419 -1.04 -32.23 13.46
CA GLU B 419 -0.59 -32.05 14.86
C GLU B 419 0.81 -32.65 14.97
N LEU B 420 1.78 -31.84 15.39
CA LEU B 420 3.19 -32.24 15.50
C LEU B 420 3.73 -31.69 16.82
N ASN B 421 4.20 -32.58 17.69
CA ASN B 421 4.66 -32.18 19.05
C ASN B 421 3.57 -31.33 19.70
N SER B 422 2.34 -31.86 19.70
CA SER B 422 1.15 -31.34 20.42
C SER B 422 0.63 -30.01 19.84
N SER B 423 1.12 -29.53 18.68
CA SER B 423 0.63 -28.24 18.14
C SER B 423 0.29 -28.32 16.65
N VAL B 424 -0.69 -27.51 16.25
CA VAL B 424 -1.17 -27.35 14.86
C VAL B 424 -0.87 -25.91 14.44
N ASP B 425 -0.14 -25.70 13.34
CA ASP B 425 0.08 -24.35 12.77
C ASP B 425 -0.97 -24.10 11.70
N SER B 426 -1.41 -22.86 11.53
CA SER B 426 -2.41 -22.57 10.48
C SER B 426 -2.31 -21.13 9.99
N ILE B 427 -2.83 -20.94 8.79
CA ILE B 427 -3.02 -19.60 8.18
C ILE B 427 -4.51 -19.50 7.81
N LYS B 428 -5.01 -18.29 7.68
CA LYS B 428 -6.46 -17.99 7.65
C LYS B 428 -6.72 -17.12 6.42
N ILE B 429 -7.69 -17.47 5.60
CA ILE B 429 -8.21 -16.63 4.48
C ILE B 429 -9.69 -16.42 4.73
N GLY B 430 -10.15 -15.17 4.78
CA GLY B 430 -11.53 -14.88 5.18
C GLY B 430 -12.17 -13.83 4.31
N PHE B 431 -13.46 -13.58 4.55
CA PHE B 431 -14.23 -12.51 3.88
C PHE B 431 -15.13 -11.87 4.93
N ASP B 432 -15.15 -10.52 4.98
CA ASP B 432 -16.06 -9.75 5.86
C ASP B 432 -17.11 -9.06 5.00
N SER B 433 -18.39 -9.38 5.23
CA SER B 433 -19.55 -8.84 4.46
C SER B 433 -19.75 -7.35 4.72
N SER B 434 -19.46 -6.85 5.93
CA SER B 434 -19.58 -5.40 6.26
C SER B 434 -18.55 -4.60 5.45
N GLN B 435 -17.37 -5.16 5.16
CA GLN B 435 -16.25 -4.44 4.49
C GLN B 435 -16.16 -4.82 3.00
N SER B 436 -16.93 -5.83 2.56
CA SER B 436 -16.87 -6.37 1.18
C SER B 436 -15.40 -6.64 0.82
N SER B 437 -14.64 -7.17 1.78
CA SER B 437 -13.17 -7.37 1.64
C SER B 437 -12.78 -8.78 2.09
N PHE B 438 -11.94 -9.40 1.29
CA PHE B 438 -11.18 -10.63 1.63
C PHE B 438 -10.02 -10.20 2.52
N TYR B 439 -9.53 -11.13 3.32
CA TYR B 439 -8.30 -10.92 4.12
C TYR B 439 -7.54 -12.23 4.22
N ILE B 440 -6.24 -12.09 4.43
CA ILE B 440 -5.36 -13.23 4.81
C ILE B 440 -4.69 -12.86 6.12
N ASP B 441 -4.48 -13.85 6.97
CA ASP B 441 -3.62 -13.75 8.17
C ASP B 441 -2.61 -14.89 8.07
N ARG B 442 -1.35 -14.56 7.77
CA ARG B 442 -0.27 -15.57 7.62
C ARG B 442 0.61 -15.56 8.87
N HIS B 443 0.15 -14.93 9.95
CA HIS B 443 0.88 -14.89 11.24
C HIS B 443 1.03 -16.31 11.78
N ILE B 444 2.27 -16.72 12.04
CA ILE B 444 2.56 -18.05 12.64
C ILE B 444 3.37 -17.80 13.88
N PRO B 445 2.70 -18.23 14.99
CA PRO B 445 3.28 -18.10 16.31
C PRO B 445 4.54 -18.97 16.35
N ASN B 446 5.59 -18.39 16.94
CA ASN B 446 6.85 -19.08 17.37
C ASN B 446 7.83 -19.28 16.21
N VAL B 447 7.47 -19.01 14.95
CA VAL B 447 8.48 -19.12 13.85
C VAL B 447 9.19 -17.76 13.71
N GLU B 448 10.50 -17.73 13.89
CA GLU B 448 11.30 -16.48 13.88
C GLU B 448 12.38 -16.55 12.80
N PHE B 449 12.66 -15.41 12.19
CA PHE B 449 13.79 -15.26 11.23
C PHE B 449 14.13 -13.77 11.14
N PRO B 450 15.39 -13.44 10.81
CA PRO B 450 15.80 -12.05 10.65
C PRO B 450 14.88 -11.26 9.70
N ARG B 451 14.59 -10.00 10.06
CA ARG B 451 13.76 -9.03 9.30
C ARG B 451 12.29 -9.50 9.21
N LYS B 452 11.79 -10.24 10.21
CA LYS B 452 10.34 -10.59 10.24
C LYS B 452 9.51 -9.34 10.59
N GLN B 453 10.14 -8.26 11.07
CA GLN B 453 9.49 -6.95 11.33
C GLN B 453 8.83 -6.41 10.05
N PHE B 454 9.33 -6.81 8.88
CA PHE B 454 8.83 -6.37 7.55
C PHE B 454 7.89 -7.41 6.96
N PHE B 455 7.76 -8.57 7.61
CA PHE B 455 6.94 -9.70 7.10
C PHE B 455 5.48 -9.45 7.48
N THR B 456 4.81 -8.57 6.72
CA THR B 456 3.42 -8.14 6.99
C THR B 456 2.54 -9.39 7.10
N ASP B 457 1.75 -9.53 8.17
CA ASP B 457 0.94 -10.75 8.41
C ASP B 457 -0.47 -10.60 7.86
N LYS B 458 -1.05 -9.40 7.90
CA LYS B 458 -2.49 -9.20 7.57
C LYS B 458 -2.59 -8.33 6.33
N LEU B 459 -3.25 -8.85 5.30
CA LEU B 459 -3.47 -8.15 4.02
C LEU B 459 -4.95 -8.26 3.65
N ALA B 460 -5.51 -7.23 3.04
CA ALA B 460 -6.93 -7.19 2.66
C ALA B 460 -7.04 -6.85 1.17
N ALA B 461 -8.19 -7.20 0.59
CA ALA B 461 -8.56 -6.83 -0.79
C ALA B 461 -10.05 -6.53 -0.84
N TYR B 462 -10.40 -5.27 -1.09
CA TYR B 462 -11.78 -4.81 -1.35
C TYR B 462 -12.19 -5.23 -2.76
N LEU B 463 -13.37 -5.85 -2.89
CA LEU B 463 -13.94 -6.14 -4.22
C LEU B 463 -15.43 -5.80 -4.24
N GLU B 464 -15.89 -5.30 -5.38
CA GLU B 464 -17.34 -5.23 -5.70
C GLU B 464 -17.84 -6.65 -5.91
N PRO B 465 -19.15 -6.92 -5.77
CA PRO B 465 -19.66 -8.27 -6.03
C PRO B 465 -19.30 -8.71 -7.45
N LEU B 466 -19.05 -10.01 -7.62
CA LEU B 466 -18.91 -10.65 -8.94
C LEU B 466 -20.23 -10.50 -9.71
N ASP B 467 -21.36 -10.72 -9.02
CA ASP B 467 -22.71 -10.69 -9.64
C ASP B 467 -23.74 -10.38 -8.55
N TYR B 468 -25.00 -10.22 -8.95
CA TYR B 468 -26.13 -10.03 -8.01
C TYR B 468 -27.19 -11.11 -8.27
N ASP B 469 -27.60 -11.81 -7.23
CA ASP B 469 -28.72 -12.78 -7.29
C ASP B 469 -29.92 -12.11 -6.61
N GLN B 470 -30.78 -11.48 -7.43
CA GLN B 470 -31.84 -10.54 -6.98
C GLN B 470 -31.13 -9.37 -6.27
N ASP B 471 -31.25 -9.28 -4.95
CA ASP B 471 -30.58 -8.21 -4.16
C ASP B 471 -29.31 -8.76 -3.49
N LEU B 472 -29.10 -10.07 -3.53
CA LEU B 472 -27.99 -10.73 -2.80
C LEU B 472 -26.68 -10.58 -3.58
N ARG B 473 -25.62 -10.18 -2.88
CA ARG B 473 -24.28 -9.99 -3.47
C ARG B 473 -23.64 -11.38 -3.67
N VAL B 474 -23.05 -11.62 -4.84
CA VAL B 474 -22.34 -12.90 -5.14
C VAL B 474 -20.84 -12.60 -5.33
N PHE B 475 -19.98 -13.47 -4.80
CA PHE B 475 -18.50 -13.37 -4.88
C PHE B 475 -17.91 -14.75 -5.17
N SER B 476 -16.72 -14.82 -5.76
CA SER B 476 -15.98 -16.10 -5.96
C SER B 476 -14.54 -15.95 -5.46
N LEU B 477 -13.91 -17.08 -5.17
CA LEU B 477 -12.53 -17.15 -4.65
C LEU B 477 -11.93 -18.47 -5.13
N TYR B 478 -10.77 -18.41 -5.77
CA TYR B 478 -9.94 -19.59 -6.04
C TYR B 478 -8.60 -19.42 -5.32
N GLY B 479 -8.23 -20.45 -4.55
CA GLY B 479 -6.99 -20.44 -3.77
C GLY B 479 -6.22 -21.72 -3.98
N ILE B 480 -4.89 -21.62 -4.02
CA ILE B 480 -4.03 -22.83 -4.14
C ILE B 480 -2.85 -22.68 -3.17
N VAL B 481 -2.66 -23.72 -2.35
CA VAL B 481 -1.60 -23.77 -1.30
C VAL B 481 -0.59 -24.83 -1.73
N ASP B 482 0.69 -24.45 -1.80
CA ASP B 482 1.78 -25.36 -2.22
C ASP B 482 2.93 -25.32 -1.19
N LYS B 483 2.69 -25.88 0.00
CA LYS B 483 3.68 -26.10 1.09
C LYS B 483 4.20 -24.81 1.73
N ASN B 484 4.65 -23.79 1.00
CA ASN B 484 5.11 -22.53 1.65
C ASN B 484 4.58 -21.29 0.91
N ILE B 485 3.67 -21.45 -0.04
CA ILE B 485 3.15 -20.30 -0.83
C ILE B 485 1.64 -20.45 -1.04
N ILE B 486 0.92 -19.34 -0.90
CA ILE B 486 -0.55 -19.34 -1.20
C ILE B 486 -0.84 -18.25 -2.22
N GLU B 487 -1.57 -18.62 -3.27
CA GLU B 487 -2.03 -17.73 -4.36
C GLU B 487 -3.54 -17.68 -4.31
N LEU B 488 -4.09 -16.48 -4.16
CA LEU B 488 -5.55 -16.26 -4.09
C LEU B 488 -5.96 -15.44 -5.31
N TYR B 489 -7.05 -15.85 -5.94
CA TYR B 489 -7.66 -15.16 -7.11
C TYR B 489 -9.11 -14.87 -6.73
N PHE B 490 -9.44 -13.59 -6.58
CA PHE B 490 -10.80 -13.15 -6.19
C PHE B 490 -11.61 -12.78 -7.43
N ASN B 491 -12.88 -13.18 -7.44
CA ASN B 491 -13.89 -12.82 -8.49
C ASN B 491 -13.33 -13.13 -9.88
N ASP B 492 -13.02 -14.41 -10.13
CA ASP B 492 -12.55 -14.89 -11.46
C ASP B 492 -11.31 -14.08 -11.89
N GLY B 493 -10.37 -13.88 -10.97
CA GLY B 493 -9.05 -13.26 -11.27
C GLY B 493 -9.09 -11.74 -11.34
N THR B 494 -10.15 -11.11 -10.83
CA THR B 494 -10.27 -9.64 -10.78
C THR B 494 -9.12 -9.07 -9.95
N VAL B 495 -8.79 -9.76 -8.85
CA VAL B 495 -7.65 -9.37 -7.97
C VAL B 495 -6.88 -10.63 -7.61
N ALA B 496 -5.55 -10.56 -7.70
CA ALA B 496 -4.64 -11.67 -7.33
C ALA B 496 -3.80 -11.23 -6.12
N MET B 497 -3.52 -12.17 -5.21
CA MET B 497 -2.73 -11.93 -3.98
C MET B 497 -1.84 -13.14 -3.73
N THR B 498 -0.53 -12.94 -3.79
CA THR B 498 0.49 -14.00 -3.62
C THR B 498 1.24 -13.76 -2.31
N ASN B 499 1.31 -14.76 -1.44
CA ASN B 499 2.02 -14.63 -0.15
C ASN B 499 2.68 -15.95 0.23
N THR B 500 3.95 -15.88 0.66
CA THR B 500 4.64 -17.04 1.27
C THR B 500 4.18 -17.15 2.72
N PHE B 501 4.41 -18.31 3.34
CA PHE B 501 4.13 -18.57 4.77
C PHE B 501 5.08 -19.66 5.25
N PHE B 502 5.56 -19.56 6.50
CA PHE B 502 6.55 -20.51 7.05
C PHE B 502 6.05 -21.10 8.37
N MET B 503 5.56 -22.34 8.28
CA MET B 503 5.12 -23.13 9.46
C MET B 503 6.35 -23.64 10.20
N GLY B 504 6.15 -24.09 11.44
CA GLY B 504 7.23 -24.65 12.28
C GLY B 504 7.89 -25.86 11.61
N GLU B 505 9.11 -26.18 12.02
CA GLU B 505 9.90 -27.30 11.49
C GLU B 505 9.02 -28.56 11.43
N GLY B 506 8.97 -29.19 10.25
CA GLY B 506 8.24 -30.46 10.00
C GLY B 506 6.76 -30.26 9.71
N LYS B 507 6.22 -29.04 9.89
CA LYS B 507 4.75 -28.82 9.72
C LYS B 507 4.49 -28.39 8.27
N TYR B 508 3.40 -28.89 7.68
CA TYR B 508 2.92 -28.42 6.35
C TYR B 508 1.41 -28.61 6.26
N PRO B 509 0.72 -27.94 5.31
CA PRO B 509 -0.74 -28.04 5.20
C PRO B 509 -1.21 -29.50 5.13
N HIS B 510 -2.26 -29.85 5.89
CA HIS B 510 -2.80 -31.23 5.97
C HIS B 510 -4.33 -31.25 5.82
N ASP B 511 -5.02 -30.21 6.28
CA ASP B 511 -6.51 -30.22 6.20
C ASP B 511 -7.02 -28.78 6.12
N ILE B 512 -8.19 -28.61 5.54
CA ILE B 512 -8.84 -27.29 5.33
C ILE B 512 -10.21 -27.31 6.01
N GLN B 513 -10.53 -26.22 6.71
CA GLN B 513 -11.85 -25.98 7.33
C GLN B 513 -12.42 -24.68 6.78
N ILE B 514 -13.74 -24.63 6.62
CA ILE B 514 -14.47 -23.36 6.38
C ILE B 514 -15.45 -23.20 7.55
N VAL B 515 -15.32 -22.11 8.32
CA VAL B 515 -16.08 -21.89 9.57
C VAL B 515 -16.63 -20.46 9.62
N THR B 516 -17.59 -20.24 10.50
CA THR B 516 -18.19 -18.93 10.84
C THR B 516 -18.69 -18.99 12.28
N ASP B 517 -18.89 -17.85 12.93
CA ASP B 517 -19.46 -17.79 14.30
C ASP B 517 -20.96 -17.47 14.25
N THR B 518 -21.54 -17.21 13.07
CA THR B 518 -22.98 -16.85 12.98
C THR B 518 -23.82 -18.07 13.36
N GLU B 519 -24.86 -17.87 14.17
CA GLU B 519 -25.80 -18.95 14.58
C GLU B 519 -26.76 -19.25 13.45
N GLU B 520 -27.25 -18.21 12.77
CA GLU B 520 -28.09 -18.33 11.56
C GLU B 520 -27.21 -17.98 10.36
N PRO B 521 -27.61 -18.37 9.13
CA PRO B 521 -26.73 -18.25 7.96
C PRO B 521 -26.61 -16.81 7.42
N LEU B 522 -25.40 -16.27 7.44
CA LEU B 522 -25.08 -15.00 6.74
C LEU B 522 -24.54 -15.31 5.34
N PHE B 523 -23.84 -16.43 5.18
CA PHE B 523 -23.23 -16.85 3.89
C PHE B 523 -23.85 -18.17 3.45
N GLU B 524 -24.24 -18.20 2.17
CA GLU B 524 -24.58 -19.47 1.47
C GLU B 524 -23.40 -19.80 0.56
N LEU B 525 -22.75 -20.95 0.77
CA LEU B 525 -21.71 -21.43 -0.17
C LEU B 525 -22.42 -22.19 -1.30
N GLU B 526 -22.72 -21.47 -2.38
CA GLU B 526 -23.45 -22.00 -3.56
C GLU B 526 -22.68 -23.22 -4.10
N SER B 527 -21.35 -23.15 -4.10
CA SER B 527 -20.48 -24.23 -4.60
C SER B 527 -19.15 -24.24 -3.84
N VAL B 528 -18.74 -25.40 -3.35
CA VAL B 528 -17.45 -25.59 -2.62
C VAL B 528 -16.74 -26.80 -3.20
N ILE B 529 -15.52 -26.61 -3.71
CA ILE B 529 -14.66 -27.73 -4.19
C ILE B 529 -13.30 -27.55 -3.54
N ILE B 530 -12.92 -28.48 -2.67
CA ILE B 530 -11.59 -28.51 -2.00
C ILE B 530 -10.92 -29.78 -2.49
N ARG B 531 -9.73 -29.67 -3.09
CA ARG B 531 -9.04 -30.86 -3.64
C ARG B 531 -7.63 -30.96 -3.06
N GLU B 532 -7.21 -32.20 -2.79
CA GLU B 532 -5.81 -32.55 -2.51
C GLU B 532 -5.18 -32.93 -3.84
N LEU B 533 -4.08 -32.26 -4.21
CA LEU B 533 -3.44 -32.44 -5.54
C LEU B 533 -2.02 -33.01 -5.36
N ASN B 534 -1.44 -33.46 -6.46
CA ASN B 534 -0.05 -34.00 -6.48
C ASN B 534 0.51 -33.79 -7.89
N LYS B 535 1.82 -33.95 -8.05
CA LYS B 535 2.48 -33.82 -9.37
C LYS B 535 2.46 -35.20 -10.05
C1 NAG C . 4.49 26.83 10.23
C2 NAG C . 4.36 27.80 11.39
C3 NAG C . 4.59 29.21 10.86
C4 NAG C . 5.92 29.32 10.15
C5 NAG C . 6.10 28.20 9.13
C6 NAG C . 7.54 28.19 8.61
C7 NAG C . 2.89 27.20 13.20
C8 NAG C . 1.57 27.47 13.84
N2 NAG C . 3.05 27.71 11.98
O3 NAG C . 4.58 30.12 11.95
O4 NAG C . 5.92 30.55 9.43
O5 NAG C . 5.83 26.94 9.75
O6 NAG C . 7.67 27.47 7.36
O7 NAG C . 3.79 26.60 13.79
C1 NAG C . 6.70 31.59 10.08
C2 NAG C . 7.09 32.60 9.04
C3 NAG C . 7.73 33.87 9.60
C4 NAG C . 6.82 34.50 10.62
C5 NAG C . 6.47 33.44 11.65
C6 NAG C . 5.38 33.96 12.56
C7 NAG C . 7.65 31.74 6.89
C8 NAG C . 8.79 31.23 6.04
N2 NAG C . 8.01 31.99 8.12
O3 NAG C . 7.95 34.81 8.56
O4 NAG C . 7.52 35.60 11.21
O5 NAG C . 5.94 32.24 11.08
O6 NAG C . 5.09 32.91 13.49
O7 NAG C . 6.50 31.91 6.48
C1 BMA C . 6.91 36.89 10.94
C2 BMA C . 6.97 37.70 12.24
C3 BMA C . 6.51 39.16 12.04
C4 BMA C . 7.10 39.78 10.76
C5 BMA C . 6.98 38.87 9.53
C6 BMA C . 7.65 39.49 8.29
O2 BMA C . 8.29 37.66 12.79
O3 BMA C . 6.82 39.90 13.23
O4 BMA C . 6.44 41.01 10.47
O5 BMA C . 7.53 37.58 9.83
O6 BMA C . 8.20 38.52 7.38
C1 NAG D . -5.11 -18.32 -21.92
C2 NAG D . -5.02 -19.72 -22.51
C3 NAG D . -5.33 -19.69 -24.01
C4 NAG D . -6.66 -19.04 -24.27
C5 NAG D . -6.75 -17.71 -23.54
C6 NAG D . -8.21 -17.26 -23.67
C7 NAG D . -3.52 -21.17 -21.32
C8 NAG D . -2.20 -21.86 -21.29
N2 NAG D . -3.72 -20.32 -22.33
O3 NAG D . -5.45 -21.03 -24.47
O4 NAG D . -6.75 -18.75 -25.67
O5 NAG D . -6.41 -17.79 -22.15
O6 NAG D . -8.43 -16.14 -22.81
O7 NAG D . -4.37 -21.37 -20.48
C1 NAG D . -7.56 -19.68 -26.42
C2 NAG D . -7.97 -18.95 -27.68
C3 NAG D . -8.62 -19.87 -28.73
C4 NAG D . -7.75 -21.08 -29.01
C5 NAG D . -7.45 -21.74 -27.68
C6 NAG D . -6.50 -22.91 -27.92
C7 NAG D . -8.50 -16.57 -27.53
C8 NAG D . -9.60 -15.56 -27.32
N2 NAG D . -8.85 -17.84 -27.37
O3 NAG D . -8.80 -19.15 -29.95
O4 NAG D . -8.36 -22.00 -29.95
O5 NAG D . -6.80 -20.84 -26.77
O6 NAG D . -5.98 -23.34 -26.66
O7 NAG D . -7.38 -16.22 -27.84
C1 NAG E . -13.49 -22.75 -10.26
C2 NAG E . -12.67 -23.27 -11.43
C3 NAG E . -13.21 -22.73 -12.75
C4 NAG E . -14.68 -23.05 -12.92
C5 NAG E . -15.43 -22.58 -11.68
C6 NAG E . -16.87 -23.06 -11.67
C7 NAG E . -10.22 -23.59 -11.17
C8 NAG E . -10.38 -25.08 -11.20
N2 NAG E . -11.30 -22.81 -11.29
O3 NAG E . -12.45 -23.30 -13.82
O4 NAG E . -15.16 -22.35 -14.08
O5 NAG E . -14.85 -23.10 -10.49
O6 NAG E . -17.64 -22.20 -10.79
O7 NAG E . -9.12 -23.09 -11.03
C1 NAG E . -15.78 -23.21 -15.06
C2 NAG E . -16.67 -22.38 -15.99
C3 NAG E . -17.23 -23.23 -17.11
C4 NAG E . -16.13 -23.99 -17.84
C5 NAG E . -15.34 -24.79 -16.79
C6 NAG E . -14.20 -25.56 -17.43
C7 NAG E . -17.75 -20.99 -14.30
C8 NAG E . -18.89 -21.05 -13.30
N2 NAG E . -17.84 -21.89 -15.27
O3 NAG E . -17.95 -22.42 -18.06
O4 NAG E . -16.71 -24.80 -18.86
O5 NAG E . -14.80 -23.92 -15.80
O6 NAG E . -13.66 -26.47 -16.46
O7 NAG E . -16.76 -20.25 -14.20
C1 GLC F . -17.68 8.54 4.88
C2 GLC F . -17.21 7.28 4.14
C3 GLC F . -18.10 7.14 2.90
C4 GLC F . -19.56 6.97 3.30
C5 GLC F . -19.99 8.12 4.17
C6 GLC F . -21.38 7.80 4.71
O2 GLC F . -15.84 7.43 3.75
O3 GLC F . -17.62 6.06 2.11
O4 GLC F . -20.38 6.97 2.13
O5 GLC F . -19.05 8.34 5.24
O6 GLC F . -21.25 6.71 5.65
C1 FRU F . -15.33 10.63 4.59
C2 FRU F . -16.85 10.80 4.50
C3 FRU F . -17.19 11.99 3.61
C4 FRU F . -18.59 12.33 4.08
C5 FRU F . -18.53 12.06 5.58
C6 FRU F . -19.85 11.50 6.11
O1 FRU F . -14.95 9.70 5.58
O2 FRU F . -17.50 9.64 3.98
O3 FRU F . -17.09 11.64 2.22
O4 FRU F . -18.94 13.68 3.84
O5 FRU F . -17.44 11.14 5.79
O6 FRU F . -19.76 11.42 7.52
C1 GLC G . 17.57 -6.54 -7.73
C2 GLC G . 17.06 -5.53 -6.70
C3 GLC G . 17.81 -4.22 -6.92
C4 GLC G . 19.31 -4.42 -6.77
C5 GLC G . 19.80 -5.56 -7.66
C6 GLC G . 21.27 -5.87 -7.33
O2 GLC G . 15.65 -5.34 -6.88
O3 GLC G . 17.33 -3.20 -6.05
O4 GLC G . 19.97 -3.23 -7.19
O5 GLC G . 18.98 -6.74 -7.54
O6 GLC G . 21.38 -6.35 -5.98
C1 FRU G . 15.07 -7.03 -9.56
C2 FRU G . 16.55 -6.94 -9.90
C3 FRU G . 16.76 -6.49 -11.32
C4 FRU G . 18.17 -7.02 -11.57
C5 FRU G . 18.21 -8.32 -10.80
C6 FRU G . 19.56 -8.56 -10.13
O1 FRU G . 14.93 -7.58 -8.24
O2 FRU G . 17.26 -6.04 -9.04
O3 FRU G . 16.59 -5.08 -11.45
O4 FRU G . 18.44 -7.25 -12.95
O5 FRU G . 17.18 -8.20 -9.82
O6 FRU G . 19.69 -9.94 -9.76
C1 NAG H . -29.60 12.49 18.59
C2 NAG H . -30.99 12.31 19.22
C3 NAG H . -31.70 13.65 19.40
C4 NAG H . -30.79 14.69 20.07
C5 NAG H . -29.53 14.84 19.23
C6 NAG H . -28.63 15.98 19.74
C7 NAG H . -31.87 10.12 18.45
C8 NAG H . -32.53 9.48 17.25
N2 NAG H . -31.79 11.46 18.35
O3 NAG H . -32.88 13.39 20.15
O4 NAG H . -31.42 15.97 20.25
O5 NAG H . -28.87 13.56 19.23
O6 NAG H . -28.17 15.70 21.07
O7 NAG H . -31.41 9.48 19.39
C1 NAG I . -27.08 43.86 10.87
C2 NAG I . -28.38 44.63 10.97
C3 NAG I . -28.92 44.44 12.37
C4 NAG I . -28.73 43.01 12.90
C5 NAG I . -27.38 42.39 12.54
C6 NAG I . -27.23 40.93 12.94
C7 NAG I . -28.79 46.54 9.49
C8 NAG I . -28.48 47.97 9.10
N2 NAG I . -28.19 46.04 10.58
O3 NAG I . -30.32 44.73 12.28
O4 NAG I . -28.85 43.02 14.33
O5 NAG I . -27.28 42.50 11.13
O6 NAG I . -28.10 40.15 12.13
O7 NAG I . -29.57 45.88 8.82
C1 NAG J . -17.02 16.98 -15.84
C2 NAG J . -17.35 17.14 -17.31
C3 NAG J . -18.85 17.25 -17.46
C4 NAG J . -19.48 16.03 -16.80
C5 NAG J . -19.08 16.04 -15.33
C6 NAG J . -19.77 14.95 -14.51
C7 NAG J . -15.65 18.38 -18.47
C8 NAG J . -15.21 19.77 -18.88
N2 NAG J . -16.80 18.36 -17.83
O3 NAG J . -19.11 17.36 -18.86
O4 NAG J . -20.91 16.05 -16.96
O5 NAG J . -17.68 15.85 -15.27
O6 NAG J . -19.31 13.68 -14.96
O7 NAG J . -15.01 17.37 -18.71
C1 NAG K . 13.68 17.69 17.40
C2 NAG K . 12.78 18.93 17.52
C3 NAG K . 13.25 20.11 16.63
C4 NAG K . 14.75 20.41 16.77
C5 NAG K . 15.42 19.09 16.43
C6 NAG K . 16.94 19.24 16.37
C7 NAG K . 10.37 18.59 18.01
C8 NAG K . 9.04 18.28 17.38
N2 NAG K . 11.42 18.57 17.18
O3 NAG K . 12.49 21.27 16.96
O4 NAG K . 15.19 21.55 15.98
O5 NAG K . 15.07 18.06 17.38
O6 NAG K . 17.41 19.46 17.70
O7 NAG K . 10.45 18.87 19.21
C1 EDO L . -5.08 28.92 -1.41
O1 EDO L . -3.67 28.87 -1.32
C2 EDO L . -5.68 29.86 -0.44
O2 EDO L . -5.48 29.50 0.95
ZN ZN M . 0.83 -12.73 17.73
C1 NAG N . 30.23 -20.13 -7.80
C2 NAG N . 31.70 -20.50 -7.56
C3 NAG N . 32.32 -21.18 -8.79
C4 NAG N . 31.38 -22.22 -9.42
C5 NAG N . 30.07 -21.52 -9.74
C6 NAG N . 29.14 -22.37 -10.60
C7 NAG N . 32.55 -18.77 -6.01
C8 NAG N . 33.40 -17.53 -5.94
N2 NAG N . 32.52 -19.33 -7.21
O3 NAG N . 33.54 -21.80 -8.40
O4 NAG N . 31.92 -22.77 -10.63
O5 NAG N . 29.52 -21.18 -8.46
O6 NAG N . 28.95 -23.68 -10.04
O7 NAG N . 31.96 -19.20 -5.05
C1 NAG O . 15.05 10.20 -22.36
C2 NAG O . 15.34 11.49 -23.14
C3 NAG O . 16.84 11.66 -23.31
C4 NAG O . 17.54 11.56 -21.97
C5 NAG O . 17.19 10.23 -21.29
C6 NAG O . 17.82 10.06 -19.91
C7 NAG O . 13.49 11.75 -24.74
C8 NAG O . 13.12 11.58 -26.19
N2 NAG O . 14.75 11.40 -24.46
O3 NAG O . 17.11 12.89 -23.93
O4 NAG O . 18.94 11.56 -22.17
O5 NAG O . 15.77 10.18 -21.15
O6 NAG O . 17.41 11.13 -19.07
O7 NAG O . 12.71 12.20 -23.92
C1 NAG P . 25.74 -23.57 -39.88
C2 NAG P . 27.11 -23.87 -40.50
C3 NAG P . 27.71 -25.11 -39.84
C4 NAG P . 27.70 -24.94 -38.32
C5 NAG P . 26.30 -24.54 -37.85
C6 NAG P . 26.25 -24.33 -36.34
C7 NAG P . 26.11 -23.96 -42.73
C8 NAG P . 25.00 -24.98 -42.46
N2 NAG P . 27.21 -23.98 -41.96
O3 NAG P . 29.08 -25.27 -40.23
O4 NAG P . 28.08 -26.20 -37.71
O5 NAG P . 25.90 -23.34 -38.49
O6 NAG P . 24.99 -24.81 -35.83
O7 NAG P . 25.95 -22.99 -43.47
C1 EDO Q . 4.61 -8.66 -27.89
O1 EDO Q . 4.35 -9.92 -28.46
C2 EDO Q . 3.54 -7.66 -28.08
O2 EDO Q . 2.26 -8.10 -27.72
#